data_4FNV
#
_entry.id   4FNV
#
_cell.length_a   168.709
_cell.length_b   209.982
_cell.length_c   84.929
_cell.angle_alpha   90.00
_cell.angle_beta   90.00
_cell.angle_gamma   90.00
#
_symmetry.space_group_name_H-M   'C 2 2 21'
#
loop_
_entity.id
_entity.type
_entity.pdbx_description
1 polymer 'Heparinase III protein, heparitin sulfate lyase'
2 water water
#
_entity_poly.entity_id   1
_entity_poly.type   'polypeptide(L)'
_entity_poly.pdbx_seq_one_letter_code
;MKNIFFICFCALFAFSGCADDDDDLLTGGNVDIDLLPDAKPNDVVDPQVFEAINLNYPGLEKVKEFYEAGEHYYAANALL
EYYRTRTNVTNPNLSLINVTISEAEQAKADYALVDYRFHVNNFYEDKETLKPYSVKQDGGINWEYSPKDASDEYQKQLHR
HQWFIPQAKAYRVSGDEKYIQSWIEVYKNWIENNPKPTTGPNTTSWWQLQVSTRIGDQVQLLEYFKNSVNFTPEWLSTFL
VEFAEQADFLVDYPYESGGNILISQANALATAGTLMPEFKNAEKWMNTGYQILSEEVQNQIMSDGWHKEMSLHYHIGIVA
DFYEAMKLAEANQLSSKLPSDFTEPLRKAAEVVMYFTYPNYFIKGSDNVVPMFNDSWSRTRNVLKNTNFKQYVEMFPDSE
ELKYMQTAGNGGTAQGRTPNNDMKLFDQAGYYVLRNGWTPASTVMILSNNKSNDASNSLSAYSHNQPDNGTFELYHNGRN
FFPDSGVCTYYTSGGDNDLRYWFRGIDKHNTLSIGKQNIKKAAGKLLKSEEGATELVVFENQGYDNLKHRRAVFYVNKKF
FVLVDEGIGNAEGTINLSFNLCEGTASEVVMDTDKNGVHTAFSNNNNIIVRTFANKAVTCSPFTGRIAYLVDGAYNTRQS
YTIDMNKSADETARYITVILPVNGSTDTSSISAKFIDSGYSENSASVEVSVNGETHTLSYTL
;
_entity_poly.pdbx_strand_id   A
#
# COMPACT_ATOMS: atom_id res chain seq x y z
N VAL A 44 -6.07 -28.40 31.98
CA VAL A 44 -5.03 -28.36 33.05
C VAL A 44 -4.13 -27.15 32.81
N VAL A 45 -3.44 -26.70 33.85
CA VAL A 45 -2.45 -25.64 33.72
C VAL A 45 -1.23 -26.22 33.02
N ASP A 46 -0.83 -25.59 31.92
CA ASP A 46 0.36 -25.99 31.18
C ASP A 46 1.58 -25.54 31.99
N PRO A 47 2.37 -26.50 32.51
CA PRO A 47 3.50 -26.15 33.35
C PRO A 47 4.55 -25.29 32.66
N GLN A 48 4.54 -25.26 31.32
CA GLN A 48 5.50 -24.45 30.59
C GLN A 48 5.32 -22.95 30.89
N VAL A 49 4.13 -22.56 31.38
CA VAL A 49 3.92 -21.14 31.72
C VAL A 49 4.91 -20.69 32.79
N PHE A 50 5.23 -21.59 33.70
CA PHE A 50 6.15 -21.26 34.79
C PHE A 50 7.61 -21.21 34.36
N GLU A 51 7.91 -21.85 33.23
CA GLU A 51 9.23 -21.75 32.61
C GLU A 51 9.35 -20.47 31.77
N ALA A 52 8.26 -20.10 31.10
CA ALA A 52 8.26 -18.93 30.22
C ALA A 52 8.26 -17.60 30.96
N ILE A 53 7.56 -17.56 32.08
CA ILE A 53 7.41 -16.36 32.88
C ILE A 53 8.51 -16.26 33.92
N ASN A 54 9.03 -15.04 34.09
CA ASN A 54 9.96 -14.73 35.17
C ASN A 54 9.19 -14.59 36.47
N LEU A 55 9.20 -15.63 37.29
CA LEU A 55 8.40 -15.62 38.53
C LEU A 55 8.93 -14.65 39.58
N ASN A 56 10.12 -14.09 39.34
CA ASN A 56 10.69 -13.06 40.20
C ASN A 56 10.27 -11.64 39.84
N TYR A 57 9.51 -11.49 38.76
CA TYR A 57 9.06 -10.19 38.32
C TYR A 57 8.25 -9.50 39.41
N PRO A 58 8.50 -8.20 39.67
CA PRO A 58 7.72 -7.53 40.72
C PRO A 58 6.22 -7.64 40.47
N GLY A 59 5.48 -8.05 41.50
CA GLY A 59 4.04 -8.25 41.38
C GLY A 59 3.64 -9.70 41.27
N LEU A 60 4.62 -10.58 41.01
CA LEU A 60 4.31 -12.01 40.82
C LEU A 60 4.66 -12.82 42.08
N GLU A 61 4.74 -12.13 43.22
CA GLU A 61 5.15 -12.79 44.47
C GLU A 61 4.23 -13.94 44.88
N LYS A 62 2.92 -13.76 44.70
CA LYS A 62 1.96 -14.82 45.03
C LYS A 62 2.03 -15.98 44.04
N VAL A 63 2.28 -15.67 42.77
CA VAL A 63 2.48 -16.70 41.77
C VAL A 63 3.68 -17.59 42.17
N LYS A 64 4.78 -16.93 42.51
CA LYS A 64 6.02 -17.63 42.85
C LYS A 64 5.83 -18.51 44.09
N GLU A 65 5.21 -17.93 45.12
CA GLU A 65 4.93 -18.65 46.37
C GLU A 65 4.08 -19.91 46.13
N PHE A 66 2.98 -19.76 45.40
CA PHE A 66 2.14 -20.93 45.09
C PHE A 66 2.88 -21.96 44.25
N TYR A 67 3.61 -21.49 43.24
CA TYR A 67 4.30 -22.40 42.32
C TYR A 67 5.31 -23.27 43.07
N GLU A 68 6.10 -22.63 43.92
CA GLU A 68 7.18 -23.31 44.64
C GLU A 68 6.65 -24.29 45.68
N ALA A 69 5.40 -24.11 46.07
CA ALA A 69 4.69 -25.04 46.96
C ALA A 69 3.93 -26.12 46.17
N GLY A 70 4.12 -26.15 44.85
CA GLY A 70 3.51 -27.15 43.98
C GLY A 70 2.04 -26.91 43.66
N GLU A 71 1.55 -25.71 44.00
CA GLU A 71 0.16 -25.34 43.74
C GLU A 71 0.02 -24.66 42.37
N HIS A 72 0.06 -25.45 41.31
CA HIS A 72 0.09 -24.90 39.95
C HIS A 72 -1.17 -24.14 39.62
N TYR A 73 -2.32 -24.68 40.02
CA TYR A 73 -3.58 -23.99 39.74
C TYR A 73 -3.64 -22.63 40.43
N TYR A 74 -3.36 -22.61 41.75
CA TYR A 74 -3.41 -21.34 42.46
C TYR A 74 -2.34 -20.36 41.97
N ALA A 75 -1.19 -20.88 41.53
CA ALA A 75 -0.16 -20.01 40.93
C ALA A 75 -0.69 -19.36 39.65
N ALA A 76 -1.31 -20.18 38.79
CA ALA A 76 -1.86 -19.68 37.51
C ALA A 76 -3.00 -18.71 37.80
N ASN A 77 -3.78 -19.01 38.83
CA ASN A 77 -4.85 -18.10 39.23
C ASN A 77 -4.34 -16.75 39.73
N ALA A 78 -3.25 -16.77 40.51
CA ALA A 78 -2.58 -15.55 40.93
C ALA A 78 -2.01 -14.79 39.72
N LEU A 79 -1.52 -15.52 38.72
CA LEU A 79 -0.99 -14.89 37.51
C LEU A 79 -2.12 -14.20 36.73
N LEU A 80 -3.28 -14.83 36.71
CA LEU A 80 -4.47 -14.25 36.07
C LEU A 80 -4.88 -12.96 36.78
N GLU A 81 -4.94 -13.02 38.11
CA GLU A 81 -5.24 -11.83 38.89
C GLU A 81 -4.22 -10.73 38.67
N TYR A 82 -2.94 -11.11 38.54
CA TYR A 82 -1.91 -10.15 38.20
C TYR A 82 -2.24 -9.44 36.88
N TYR A 83 -2.51 -10.20 35.83
CA TYR A 83 -2.83 -9.59 34.52
C TYR A 83 -4.11 -8.78 34.56
N ARG A 84 -5.07 -9.21 35.38
CA ARG A 84 -6.32 -8.46 35.54
C ARG A 84 -6.13 -7.10 36.19
N THR A 85 -5.11 -6.95 37.02
CA THR A 85 -4.95 -5.74 37.82
C THR A 85 -3.68 -4.93 37.56
N ARG A 86 -2.79 -5.43 36.71
CA ARG A 86 -1.50 -4.75 36.50
C ARG A 86 -1.70 -3.37 35.86
N THR A 87 -0.78 -2.46 36.17
CA THR A 87 -0.81 -1.09 35.65
C THR A 87 0.58 -0.67 35.14
N ASN A 88 1.42 -1.66 34.86
CA ASN A 88 2.82 -1.40 34.52
C ASN A 88 3.08 -1.04 33.05
N VAL A 89 2.13 -1.33 32.17
CA VAL A 89 2.33 -1.08 30.73
C VAL A 89 1.18 -0.31 30.09
N THR A 90 1.50 0.39 29.00
CA THR A 90 0.51 1.16 28.25
C THR A 90 0.66 0.82 26.76
N ASN A 91 -0.45 0.45 26.13
CA ASN A 91 -0.48 0.22 24.69
C ASN A 91 -1.22 1.38 24.00
N PRO A 92 -0.48 2.31 23.35
CA PRO A 92 -1.13 3.46 22.69
C PRO A 92 -2.14 3.06 21.63
N ASN A 93 -2.02 1.85 21.10
CA ASN A 93 -2.96 1.37 20.09
C ASN A 93 -4.28 0.83 20.62
N LEU A 94 -4.41 0.72 21.94
CA LEU A 94 -5.63 0.19 22.51
C LEU A 94 -6.20 1.08 23.59
N SER A 95 -7.46 1.46 23.42
CA SER A 95 -8.23 2.09 24.48
C SER A 95 -9.43 1.22 24.83
N LEU A 96 -9.63 0.97 26.13
CA LEU A 96 -10.74 0.16 26.61
C LEU A 96 -11.82 1.02 27.26
N ILE A 97 -11.67 2.33 27.13
CA ILE A 97 -12.71 3.27 27.57
C ILE A 97 -13.64 3.53 26.39
N ASN A 98 -14.94 3.27 26.59
CA ASN A 98 -15.97 3.41 25.57
C ASN A 98 -15.72 2.68 24.25
N VAL A 99 -15.50 1.36 24.34
CA VAL A 99 -15.31 0.53 23.15
C VAL A 99 -16.60 0.46 22.33
N THR A 100 -16.46 0.67 21.03
CA THR A 100 -17.58 0.54 20.09
C THR A 100 -17.24 -0.48 19.01
N ILE A 101 -18.26 -0.98 18.34
CA ILE A 101 -18.08 -1.94 17.26
C ILE A 101 -18.86 -1.48 16.03
N SER A 102 -18.22 -1.57 14.87
CA SER A 102 -18.87 -1.21 13.61
C SER A 102 -19.75 -2.36 13.13
N GLU A 103 -20.60 -2.08 12.15
CA GLU A 103 -21.43 -3.10 11.52
C GLU A 103 -20.58 -4.18 10.85
N ALA A 104 -19.51 -3.78 10.18
CA ALA A 104 -18.61 -4.72 9.51
C ALA A 104 -17.91 -5.63 10.53
N GLU A 105 -17.46 -5.04 11.64
CA GLU A 105 -16.81 -5.83 12.70
C GLU A 105 -17.79 -6.77 13.37
N GLN A 106 -19.03 -6.32 13.58
CA GLN A 106 -20.08 -7.16 14.16
C GLN A 106 -20.35 -8.38 13.28
N ALA A 107 -20.39 -8.16 11.97
CA ALA A 107 -20.56 -9.25 11.01
C ALA A 107 -19.43 -10.28 11.14
N LYS A 108 -18.19 -9.80 11.25
CA LYS A 108 -17.06 -10.71 11.40
C LYS A 108 -17.20 -11.54 12.68
N ALA A 109 -17.57 -10.88 13.76
CA ALA A 109 -17.74 -11.56 15.05
C ALA A 109 -18.81 -12.65 15.01
N ASP A 110 -19.91 -12.34 14.34
CA ASP A 110 -21.06 -13.25 14.27
C ASP A 110 -20.95 -14.36 13.22
N TYR A 111 -20.38 -14.03 12.05
CA TYR A 111 -20.18 -15.06 11.02
C TYR A 111 -19.30 -16.19 11.52
N ALA A 112 -18.30 -15.85 12.35
CA ALA A 112 -17.38 -16.87 12.87
C ALA A 112 -18.07 -17.92 13.76
N LEU A 113 -19.25 -17.59 14.25
CA LEU A 113 -20.02 -18.48 15.13
C LEU A 113 -20.82 -19.55 14.41
N VAL A 114 -20.98 -19.43 13.11
CA VAL A 114 -21.74 -20.44 12.37
C VAL A 114 -21.00 -20.97 11.14
N ASP A 115 -20.82 -22.29 11.11
CA ASP A 115 -20.13 -23.01 10.04
C ASP A 115 -18.70 -22.52 9.78
N TYR A 116 -18.01 -22.09 10.85
CA TYR A 116 -16.64 -21.57 10.77
C TYR A 116 -16.44 -20.62 9.59
N ARG A 117 -17.33 -19.65 9.45
CA ARG A 117 -17.20 -18.63 8.41
C ARG A 117 -16.29 -17.54 8.94
N PHE A 118 -14.99 -17.78 8.81
CA PHE A 118 -13.96 -16.94 9.40
C PHE A 118 -13.54 -15.84 8.43
N HIS A 119 -13.68 -14.58 8.84
CA HIS A 119 -13.40 -13.46 7.94
C HIS A 119 -11.98 -13.42 7.47
N VAL A 120 -11.81 -13.24 6.16
CA VAL A 120 -10.52 -13.07 5.51
C VAL A 120 -10.63 -11.85 4.57
N ASN A 121 -9.83 -10.82 4.82
CA ASN A 121 -9.90 -9.60 4.00
C ASN A 121 -9.86 -9.92 2.50
N ASN A 122 -10.79 -9.32 1.77
CA ASN A 122 -10.85 -9.45 0.29
C ASN A 122 -11.41 -10.75 -0.26
N PHE A 123 -11.85 -11.67 0.61
CA PHE A 123 -12.39 -12.95 0.17
C PHE A 123 -13.74 -13.18 0.81
N TYR A 124 -14.78 -13.29 -0.03
CA TYR A 124 -16.13 -13.51 0.47
C TYR A 124 -16.86 -14.55 -0.35
N GLU A 125 -17.66 -15.36 0.34
CA GLU A 125 -18.65 -16.23 -0.28
C GLU A 125 -19.69 -15.36 -0.97
N ASP A 126 -20.14 -14.33 -0.25
CA ASP A 126 -21.08 -13.35 -0.77
C ASP A 126 -20.69 -11.97 -0.30
N LYS A 127 -20.05 -11.20 -1.17
CA LYS A 127 -19.55 -9.87 -0.85
C LYS A 127 -20.67 -8.94 -0.36
N GLU A 128 -21.84 -9.05 -1.02
CA GLU A 128 -23.00 -8.22 -0.70
C GLU A 128 -23.35 -8.23 0.79
N THR A 129 -23.28 -9.41 1.41
CA THR A 129 -23.63 -9.58 2.81
C THR A 129 -22.39 -9.80 3.69
N LEU A 130 -21.22 -9.57 3.11
CA LEU A 130 -19.91 -9.70 3.79
C LEU A 130 -19.71 -11.09 4.37
N LYS A 131 -20.29 -12.10 3.72
CA LYS A 131 -20.26 -13.46 4.20
C LYS A 131 -18.95 -14.15 3.83
N PRO A 132 -18.14 -14.53 4.84
CA PRO A 132 -16.91 -15.25 4.54
C PRO A 132 -17.18 -16.67 4.07
N TYR A 133 -16.23 -17.24 3.34
CA TYR A 133 -16.23 -18.66 3.04
C TYR A 133 -16.18 -19.47 4.34
N SER A 134 -16.87 -20.60 4.35
CA SER A 134 -16.79 -21.56 5.44
C SER A 134 -15.54 -22.43 5.29
N VAL A 135 -14.77 -22.56 6.37
CA VAL A 135 -13.59 -23.44 6.37
C VAL A 135 -13.93 -24.81 6.97
N LYS A 136 -15.22 -25.04 7.20
CA LYS A 136 -15.70 -26.29 7.78
C LYS A 136 -15.57 -27.46 6.80
N GLN A 137 -14.98 -28.55 7.25
CA GLN A 137 -14.99 -29.81 6.50
C GLN A 137 -15.08 -31.01 7.45
N ASP A 138 -16.03 -31.89 7.17
CA ASP A 138 -16.30 -33.07 8.01
C ASP A 138 -16.51 -32.66 9.47
N GLY A 139 -17.34 -31.63 9.68
CA GLY A 139 -17.67 -31.14 11.01
C GLY A 139 -16.60 -30.35 11.74
N GLY A 140 -15.39 -30.30 11.19
CA GLY A 140 -14.26 -29.63 11.85
C GLY A 140 -13.69 -28.46 11.05
N ILE A 141 -12.61 -27.87 11.56
CA ILE A 141 -11.96 -26.74 10.90
C ILE A 141 -10.83 -27.21 9.98
N ASN A 142 -10.93 -26.84 8.70
CA ASN A 142 -9.84 -27.09 7.77
C ASN A 142 -8.95 -25.85 7.65
N TRP A 143 -7.84 -25.86 8.37
CA TRP A 143 -6.90 -24.74 8.34
C TRP A 143 -6.14 -24.63 7.06
N GLU A 144 -6.29 -25.62 6.17
CA GLU A 144 -5.65 -25.58 4.86
C GLU A 144 -6.62 -25.18 3.74
N TYR A 145 -7.85 -24.84 4.13
CA TYR A 145 -8.87 -24.44 3.15
C TYR A 145 -8.46 -23.22 2.32
N SER A 146 -8.79 -23.25 1.03
CA SER A 146 -8.62 -22.10 0.15
C SER A 146 -9.70 -22.20 -0.92
N PRO A 147 -10.42 -21.10 -1.19
CA PRO A 147 -11.44 -21.13 -2.24
C PRO A 147 -10.82 -21.34 -3.62
N LYS A 148 -11.61 -21.86 -4.57
CA LYS A 148 -11.12 -22.22 -5.91
C LYS A 148 -10.16 -21.20 -6.58
N ASP A 149 -10.64 -19.98 -6.78
CA ASP A 149 -9.88 -18.95 -7.54
C ASP A 149 -8.92 -18.12 -6.68
N ALA A 150 -8.59 -18.58 -5.47
CA ALA A 150 -7.87 -17.72 -4.51
C ALA A 150 -6.34 -17.66 -4.68
N SER A 151 -5.80 -16.45 -4.54
CA SER A 151 -4.36 -16.24 -4.49
C SER A 151 -3.83 -16.73 -3.14
N ASP A 152 -2.51 -16.65 -2.96
CA ASP A 152 -1.88 -17.06 -1.69
C ASP A 152 -2.38 -16.20 -0.51
N GLU A 153 -2.98 -15.05 -0.82
CA GLU A 153 -3.43 -14.14 0.24
C GLU A 153 -4.60 -14.70 1.08
N TYR A 154 -5.39 -15.63 0.54
CA TYR A 154 -6.45 -16.20 1.36
C TYR A 154 -5.84 -16.96 2.54
N GLN A 155 -4.99 -17.94 2.23
CA GLN A 155 -4.31 -18.71 3.27
C GLN A 155 -3.50 -17.84 4.22
N LYS A 156 -2.72 -16.90 3.68
CA LYS A 156 -1.90 -16.05 4.54
C LYS A 156 -2.77 -15.33 5.57
N GLN A 157 -3.87 -14.74 5.11
CA GLN A 157 -4.68 -13.92 6.00
C GLN A 157 -5.60 -14.71 6.93
N LEU A 158 -6.02 -15.90 6.51
CA LEU A 158 -6.77 -16.79 7.41
C LEU A 158 -5.96 -17.03 8.70
N HIS A 159 -4.66 -17.23 8.54
CA HIS A 159 -3.76 -17.42 9.68
C HIS A 159 -3.41 -16.19 10.46
N ARG A 160 -4.00 -15.04 10.07
CA ARG A 160 -3.92 -13.83 10.90
C ARG A 160 -5.10 -13.71 11.85
N HIS A 161 -6.09 -14.59 11.70
CA HIS A 161 -7.25 -14.62 12.62
C HIS A 161 -7.94 -13.29 12.68
N GLN A 162 -8.35 -12.77 11.52
CA GLN A 162 -8.83 -11.39 11.43
C GLN A 162 -10.19 -11.10 12.08
N TRP A 163 -10.87 -12.16 12.50
CA TRP A 163 -12.14 -12.03 13.21
C TRP A 163 -12.00 -12.04 14.72
N PHE A 164 -10.81 -12.32 15.25
CA PHE A 164 -10.64 -12.35 16.71
C PHE A 164 -10.84 -10.98 17.39
N ILE A 165 -10.20 -9.94 16.86
CA ILE A 165 -10.37 -8.60 17.43
C ILE A 165 -11.84 -8.15 17.35
N PRO A 166 -12.51 -8.39 16.21
CA PRO A 166 -13.95 -8.12 16.17
C PRO A 166 -14.74 -8.85 17.26
N GLN A 167 -14.42 -10.13 17.52
CA GLN A 167 -15.10 -10.88 18.58
C GLN A 167 -14.81 -10.27 19.96
N ALA A 168 -13.60 -9.78 20.16
CA ALA A 168 -13.22 -9.10 21.39
C ALA A 168 -14.04 -7.83 21.61
N LYS A 169 -14.16 -7.02 20.57
CA LYS A 169 -14.99 -5.81 20.63
C LYS A 169 -16.46 -6.18 20.87
N ALA A 170 -16.94 -7.20 20.16
CA ALA A 170 -18.32 -7.68 20.32
C ALA A 170 -18.59 -8.14 21.74
N TYR A 171 -17.60 -8.81 22.34
CA TYR A 171 -17.67 -9.20 23.74
C TYR A 171 -17.79 -7.99 24.68
N ARG A 172 -16.95 -6.98 24.46
CA ARG A 172 -16.92 -5.80 25.33
C ARG A 172 -18.25 -5.04 25.25
N VAL A 173 -18.79 -4.94 24.04
CA VAL A 173 -20.03 -4.21 23.79
C VAL A 173 -21.27 -4.95 24.31
N SER A 174 -21.36 -6.25 24.01
CA SER A 174 -22.56 -7.04 24.34
C SER A 174 -22.53 -7.68 25.73
N GLY A 175 -21.33 -8.02 26.20
CA GLY A 175 -21.17 -8.82 27.41
C GLY A 175 -21.53 -10.28 27.19
N ASP A 176 -21.74 -10.66 25.93
CA ASP A 176 -22.17 -12.01 25.60
C ASP A 176 -20.96 -12.94 25.56
N GLU A 177 -20.94 -13.94 26.44
CA GLU A 177 -19.81 -14.85 26.59
C GLU A 177 -19.55 -15.72 25.36
N LYS A 178 -20.53 -15.82 24.45
CA LYS A 178 -20.34 -16.65 23.24
C LYS A 178 -19.12 -16.21 22.43
N TYR A 179 -18.80 -14.92 22.50
CA TYR A 179 -17.68 -14.35 21.73
C TYR A 179 -16.31 -14.82 22.27
N ILE A 180 -16.14 -14.79 23.59
CA ILE A 180 -14.89 -15.33 24.17
C ILE A 180 -14.82 -16.85 24.02
N GLN A 181 -15.96 -17.52 24.21
CA GLN A 181 -15.98 -18.97 24.06
C GLN A 181 -15.57 -19.40 22.65
N SER A 182 -16.02 -18.65 21.64
CA SER A 182 -15.63 -18.89 20.26
C SER A 182 -14.13 -18.67 20.06
N TRP A 183 -13.60 -17.56 20.57
CA TRP A 183 -12.17 -17.28 20.43
C TRP A 183 -11.35 -18.38 21.04
N ILE A 184 -11.70 -18.77 22.27
CA ILE A 184 -10.93 -19.83 22.95
C ILE A 184 -10.99 -21.14 22.19
N GLU A 185 -12.18 -21.55 21.76
CA GLU A 185 -12.36 -22.81 21.04
C GLU A 185 -11.57 -22.82 19.73
N VAL A 186 -11.71 -21.75 18.96
CA VAL A 186 -11.07 -21.68 17.64
C VAL A 186 -9.54 -21.51 17.73
N TYR A 187 -9.08 -20.65 18.63
CA TYR A 187 -7.65 -20.47 18.81
C TYR A 187 -6.97 -21.74 19.36
N LYS A 188 -7.61 -22.41 20.31
CA LYS A 188 -7.12 -23.74 20.76
C LYS A 188 -6.99 -24.70 19.57
N ASN A 189 -8.03 -24.76 18.74
CA ASN A 189 -8.01 -25.62 17.57
C ASN A 189 -6.85 -25.25 16.63
N TRP A 190 -6.66 -23.94 16.42
CA TRP A 190 -5.54 -23.49 15.60
C TRP A 190 -4.22 -23.93 16.19
N ILE A 191 -4.02 -23.71 17.49
CA ILE A 191 -2.76 -24.08 18.15
C ILE A 191 -2.45 -25.56 17.95
N GLU A 192 -3.47 -26.39 18.19
CA GLU A 192 -3.33 -27.85 18.12
C GLU A 192 -2.99 -28.35 16.71
N ASN A 193 -3.48 -27.65 15.70
CA ASN A 193 -3.38 -28.11 14.32
C ASN A 193 -2.38 -27.37 13.43
N ASN A 194 -1.67 -26.40 14.01
CA ASN A 194 -0.68 -25.62 13.25
C ASN A 194 0.63 -25.48 14.00
N PRO A 195 1.36 -26.59 14.18
CA PRO A 195 2.63 -26.56 14.90
C PRO A 195 3.67 -25.68 14.20
N LYS A 196 4.46 -24.98 14.99
CA LYS A 196 5.59 -24.19 14.50
C LYS A 196 6.59 -25.12 13.78
N PRO A 197 7.05 -24.75 12.56
CA PRO A 197 8.16 -25.50 11.96
C PRO A 197 9.44 -25.35 12.77
N THR A 198 10.31 -26.35 12.75
CA THR A 198 11.54 -26.28 13.55
C THR A 198 12.70 -25.66 12.78
N THR A 199 12.45 -25.28 11.53
CA THR A 199 13.50 -24.88 10.60
C THR A 199 13.43 -23.42 10.14
N GLY A 200 12.34 -22.74 10.46
CA GLY A 200 12.13 -21.38 9.96
C GLY A 200 10.70 -21.23 9.53
N PRO A 201 10.41 -20.18 8.72
CA PRO A 201 9.02 -19.96 8.37
C PRO A 201 8.48 -20.98 7.39
N ASN A 202 7.15 -21.11 7.36
CA ASN A 202 6.46 -21.67 6.21
C ASN A 202 5.76 -20.49 5.52
N THR A 203 4.90 -20.77 4.56
CA THR A 203 4.32 -19.68 3.76
C THR A 203 2.94 -19.27 4.22
N THR A 204 2.46 -19.90 5.29
CA THR A 204 1.09 -19.66 5.77
C THR A 204 1.03 -19.39 7.27
N SER A 205 0.85 -20.45 8.05
CA SER A 205 0.62 -20.36 9.49
C SER A 205 1.80 -19.71 10.24
N TRP A 206 3.00 -19.92 9.71
CA TRP A 206 4.22 -19.47 10.36
C TRP A 206 5.10 -18.65 9.45
N TRP A 207 4.49 -17.93 8.52
CA TRP A 207 5.17 -16.86 7.78
C TRP A 207 5.30 -15.67 8.70
N GLN A 208 6.44 -14.97 8.66
CA GLN A 208 6.69 -13.92 9.68
C GLN A 208 5.57 -12.89 9.80
N LEU A 209 4.99 -12.49 8.67
CA LEU A 209 3.92 -11.48 8.72
C LEU A 209 2.66 -12.01 9.42
N GLN A 210 2.38 -13.30 9.31
CA GLN A 210 1.26 -13.88 10.06
C GLN A 210 1.55 -13.84 11.55
N VAL A 211 2.76 -14.26 11.92
CA VAL A 211 3.17 -14.28 13.34
C VAL A 211 3.16 -12.87 13.93
N SER A 212 3.72 -11.90 13.19
CA SER A 212 3.79 -10.54 13.70
C SER A 212 2.38 -9.94 13.87
N THR A 213 1.48 -10.24 12.93
CA THR A 213 0.09 -9.78 13.02
C THR A 213 -0.62 -10.36 14.27
N ARG A 214 -0.44 -11.67 14.49
CA ARG A 214 -1.04 -12.31 15.66
C ARG A 214 -0.52 -11.71 16.96
N ILE A 215 0.77 -11.38 17.02
CA ILE A 215 1.32 -10.78 18.25
C ILE A 215 0.69 -9.43 18.58
N GLY A 216 0.60 -8.56 17.57
CA GLY A 216 -0.09 -7.28 17.74
C GLY A 216 -1.54 -7.40 18.17
N ASP A 217 -2.26 -8.41 17.65
CA ASP A 217 -3.61 -8.66 18.11
C ASP A 217 -3.66 -9.22 19.53
N GLN A 218 -2.77 -10.17 19.82
CA GLN A 218 -2.87 -10.93 21.07
C GLN A 218 -2.61 -10.09 22.31
N VAL A 219 -1.69 -9.13 22.24
CA VAL A 219 -1.51 -8.20 23.35
C VAL A 219 -2.81 -7.44 23.68
N GLN A 220 -3.65 -7.21 22.66
CA GLN A 220 -4.95 -6.56 22.85
C GLN A 220 -6.02 -7.56 23.30
N LEU A 221 -6.03 -8.73 22.69
CA LEU A 221 -7.02 -9.77 23.05
C LEU A 221 -6.98 -10.12 24.53
N LEU A 222 -5.76 -10.15 25.10
CA LEU A 222 -5.60 -10.37 26.54
C LEU A 222 -6.35 -9.31 27.33
N GLU A 223 -6.15 -8.04 26.96
CA GLU A 223 -6.81 -6.93 27.67
C GLU A 223 -8.33 -6.94 27.49
N TYR A 224 -8.82 -7.22 26.29
CA TYR A 224 -10.26 -7.30 26.04
C TYR A 224 -10.95 -8.41 26.83
N PHE A 225 -10.30 -9.56 26.92
CA PHE A 225 -10.96 -10.80 27.36
C PHE A 225 -10.66 -11.22 28.81
N LYS A 226 -9.64 -10.64 29.43
CA LYS A 226 -9.09 -11.18 30.69
C LYS A 226 -10.08 -11.26 31.86
N ASN A 227 -11.08 -10.38 31.89
CA ASN A 227 -12.01 -10.37 33.01
C ASN A 227 -13.18 -11.35 32.91
N SER A 228 -13.28 -12.03 31.77
CA SER A 228 -14.30 -13.06 31.61
C SER A 228 -14.09 -14.24 32.57
N VAL A 229 -15.18 -14.78 33.09
CA VAL A 229 -15.11 -16.02 33.88
C VAL A 229 -14.59 -17.19 33.02
N ASN A 230 -14.71 -17.05 31.70
CA ASN A 230 -14.20 -18.06 30.77
C ASN A 230 -12.71 -17.94 30.46
N PHE A 231 -12.09 -16.83 30.87
CA PHE A 231 -10.64 -16.68 30.78
C PHE A 231 -10.05 -17.31 32.05
N THR A 232 -9.89 -18.62 32.01
CA THR A 232 -9.54 -19.42 33.19
C THR A 232 -8.04 -19.35 33.39
N PRO A 233 -7.56 -19.69 34.60
CA PRO A 233 -6.11 -19.83 34.81
C PRO A 233 -5.49 -20.85 33.86
N GLU A 234 -6.20 -21.94 33.59
CA GLU A 234 -5.70 -22.95 32.64
C GLU A 234 -5.53 -22.33 31.24
N TRP A 235 -6.54 -21.61 30.79
CA TRP A 235 -6.47 -20.92 29.49
C TRP A 235 -5.35 -19.92 29.45
N LEU A 236 -5.21 -19.12 30.50
CA LEU A 236 -4.11 -18.17 30.59
C LEU A 236 -2.76 -18.84 30.36
N SER A 237 -2.57 -20.02 30.97
CA SER A 237 -1.29 -20.73 30.82
C SER A 237 -1.02 -21.06 29.36
N THR A 238 -2.04 -21.56 28.64
CA THR A 238 -1.89 -21.89 27.23
C THR A 238 -1.66 -20.63 26.38
N PHE A 239 -2.46 -19.60 26.65
CA PHE A 239 -2.34 -18.32 25.94
C PHE A 239 -0.92 -17.74 26.05
N LEU A 240 -0.39 -17.72 27.27
CA LEU A 240 0.93 -17.15 27.49
C LEU A 240 2.04 -18.00 26.88
N VAL A 241 1.93 -19.33 27.01
CA VAL A 241 2.93 -20.22 26.41
C VAL A 241 2.98 -20.01 24.90
N GLU A 242 1.81 -19.97 24.26
CA GLU A 242 1.77 -19.82 22.79
C GLU A 242 2.15 -18.41 22.34
N PHE A 243 1.94 -17.42 23.22
CA PHE A 243 2.40 -16.07 22.92
C PHE A 243 3.92 -16.03 22.86
N ALA A 244 4.57 -16.63 23.87
CA ALA A 244 6.02 -16.70 23.89
C ALA A 244 6.54 -17.48 22.67
N GLU A 245 5.80 -18.51 22.25
CA GLU A 245 6.16 -19.28 21.07
C GLU A 245 6.23 -18.38 19.82
N GLN A 246 5.23 -17.53 19.66
CA GLN A 246 5.18 -16.58 18.53
C GLN A 246 6.39 -15.65 18.57
N ALA A 247 6.66 -15.05 19.74
CA ALA A 247 7.71 -14.04 19.85
C ALA A 247 9.12 -14.64 19.75
N ASP A 248 9.34 -15.78 20.40
CA ASP A 248 10.62 -16.49 20.26
C ASP A 248 10.90 -16.87 18.80
N PHE A 249 9.86 -17.26 18.08
CA PHE A 249 9.98 -17.58 16.66
C PHE A 249 10.49 -16.38 15.87
N LEU A 250 9.96 -15.19 16.17
CA LEU A 250 10.37 -13.99 15.46
C LEU A 250 11.80 -13.58 15.77
N VAL A 251 12.26 -13.88 16.99
CA VAL A 251 13.67 -13.67 17.32
C VAL A 251 14.56 -14.63 16.54
N ASP A 252 14.12 -15.88 16.47
CA ASP A 252 14.89 -16.96 15.84
C ASP A 252 15.05 -16.74 14.33
N TYR A 253 14.05 -16.12 13.70
CA TYR A 253 14.01 -16.03 12.25
C TYR A 253 13.70 -14.63 11.71
N PRO A 254 14.67 -13.71 11.79
CA PRO A 254 14.52 -12.41 11.13
C PRO A 254 14.29 -12.63 9.65
N TYR A 255 13.23 -12.03 9.11
CA TYR A 255 12.88 -12.27 7.73
C TYR A 255 14.04 -11.92 6.81
N GLU A 256 14.42 -12.88 5.96
CA GLU A 256 15.69 -12.82 5.24
C GLU A 256 15.72 -11.86 4.05
N SER A 257 14.55 -11.46 3.56
CA SER A 257 14.52 -10.55 2.40
C SER A 257 14.22 -9.08 2.77
N GLY A 258 14.32 -8.74 4.06
CA GLY A 258 14.13 -7.36 4.54
C GLY A 258 12.76 -6.82 4.17
N GLY A 259 12.72 -5.56 3.74
CA GLY A 259 11.44 -4.97 3.28
C GLY A 259 10.43 -4.78 4.40
N ASN A 260 9.17 -4.59 4.00
CA ASN A 260 8.10 -4.34 4.94
C ASN A 260 7.90 -5.43 6.01
N ILE A 261 8.14 -6.70 5.62
CA ILE A 261 7.88 -7.83 6.52
C ILE A 261 8.85 -7.76 7.68
N LEU A 262 10.10 -7.41 7.38
CA LEU A 262 11.09 -7.27 8.46
C LEU A 262 10.72 -6.15 9.43
N ILE A 263 10.22 -5.03 8.90
CA ILE A 263 9.79 -3.93 9.74
C ILE A 263 8.58 -4.31 10.60
N SER A 264 7.60 -5.00 10.01
CA SER A 264 6.44 -5.49 10.77
C SER A 264 6.86 -6.43 11.90
N GLN A 265 7.82 -7.30 11.59
CA GLN A 265 8.36 -8.27 12.55
C GLN A 265 9.03 -7.57 13.72
N ALA A 266 9.88 -6.59 13.41
CA ALA A 266 10.58 -5.81 14.43
C ALA A 266 9.60 -5.05 15.32
N ASN A 267 8.57 -4.48 14.72
CA ASN A 267 7.54 -3.80 15.49
C ASN A 267 6.80 -4.78 16.42
N ALA A 268 6.50 -5.97 15.93
CA ALA A 268 5.81 -6.97 16.74
C ALA A 268 6.68 -7.40 17.92
N LEU A 269 7.98 -7.54 17.68
CA LEU A 269 8.93 -7.89 18.76
C LEU A 269 9.02 -6.80 19.83
N ALA A 270 9.16 -5.54 19.39
CA ALA A 270 9.10 -4.41 20.33
C ALA A 270 7.80 -4.42 21.15
N THR A 271 6.68 -4.69 20.47
CA THR A 271 5.37 -4.74 21.12
C THR A 271 5.30 -5.85 22.17
N ALA A 272 5.73 -7.05 21.79
CA ALA A 272 5.68 -8.21 22.70
C ALA A 272 6.54 -7.96 23.93
N GLY A 273 7.76 -7.49 23.69
CA GLY A 273 8.71 -7.30 24.78
C GLY A 273 8.36 -6.15 25.71
N THR A 274 7.77 -5.09 25.15
CA THR A 274 7.41 -3.94 25.95
C THR A 274 6.14 -4.19 26.76
N LEU A 275 5.13 -4.82 26.14
CA LEU A 275 3.84 -4.99 26.78
C LEU A 275 3.69 -6.25 27.62
N MET A 276 4.60 -7.21 27.45
CA MET A 276 4.57 -8.43 28.25
C MET A 276 5.94 -8.67 28.91
N PRO A 277 6.41 -7.69 29.73
CA PRO A 277 7.78 -7.72 30.23
C PRO A 277 7.98 -8.82 31.28
N GLU A 278 6.89 -9.48 31.67
CA GLU A 278 6.94 -10.53 32.70
C GLU A 278 7.59 -11.82 32.19
N PHE A 279 7.66 -11.98 30.87
CA PHE A 279 8.35 -13.13 30.26
C PHE A 279 9.87 -13.04 30.43
N LYS A 280 10.50 -14.20 30.65
CA LYS A 280 11.95 -14.25 30.76
C LYS A 280 12.63 -13.68 29.51
N ASN A 281 12.05 -13.97 28.34
CA ASN A 281 12.63 -13.55 27.06
C ASN A 281 12.15 -12.19 26.55
N ALA A 282 11.30 -11.52 27.31
CA ALA A 282 10.75 -10.22 26.88
C ALA A 282 11.82 -9.16 26.61
N GLU A 283 12.86 -9.08 27.44
CA GLU A 283 13.89 -8.09 27.21
C GLU A 283 14.58 -8.33 25.86
N LYS A 284 14.85 -9.60 25.56
CA LYS A 284 15.40 -10.01 24.26
C LYS A 284 14.44 -9.63 23.13
N TRP A 285 13.15 -9.90 23.30
CA TRP A 285 12.18 -9.52 22.25
C TRP A 285 12.24 -8.05 21.97
N MET A 286 12.10 -7.25 23.03
CA MET A 286 12.05 -5.79 22.91
C MET A 286 13.36 -5.22 22.34
N ASN A 287 14.49 -5.70 22.85
CA ASN A 287 15.76 -5.18 22.38
C ASN A 287 16.05 -5.50 20.93
N THR A 288 15.68 -6.71 20.51
CA THR A 288 15.81 -7.14 19.12
C THR A 288 14.90 -6.27 18.24
N GLY A 289 13.64 -6.10 18.66
CA GLY A 289 12.68 -5.27 17.90
C GLY A 289 13.14 -3.83 17.73
N TYR A 290 13.45 -3.15 18.82
CA TYR A 290 13.88 -1.75 18.73
C TYR A 290 15.18 -1.59 17.95
N GLN A 291 16.10 -2.54 18.11
CA GLN A 291 17.35 -2.52 17.34
C GLN A 291 17.12 -2.63 15.83
N ILE A 292 16.33 -3.62 15.41
CA ILE A 292 16.03 -3.79 13.99
C ILE A 292 15.32 -2.53 13.46
N LEU A 293 14.38 -2.00 14.23
CA LEU A 293 13.68 -0.76 13.77
C LEU A 293 14.65 0.41 13.60
N SER A 294 15.59 0.56 14.54
CA SER A 294 16.56 1.63 14.44
C SER A 294 17.42 1.48 13.18
N GLU A 295 17.71 0.25 12.78
CA GLU A 295 18.50 -0.03 11.58
C GLU A 295 17.68 0.22 10.31
N GLU A 296 16.47 -0.34 10.29
CA GLU A 296 15.65 -0.33 9.09
C GLU A 296 15.06 1.04 8.73
N VAL A 297 14.91 1.92 9.70
CA VAL A 297 14.41 3.28 9.40
C VAL A 297 15.47 4.01 8.55
N GLN A 298 16.73 3.63 8.73
CA GLN A 298 17.82 4.13 7.89
C GLN A 298 17.94 3.33 6.58
N ASN A 299 17.91 2.01 6.68
CA ASN A 299 18.15 1.15 5.53
C ASN A 299 17.08 1.26 4.44
N GLN A 300 15.82 1.40 4.85
CA GLN A 300 14.73 1.20 3.91
C GLN A 300 14.05 2.47 3.42
N ILE A 301 14.43 3.62 3.97
CA ILE A 301 13.89 4.91 3.51
C ILE A 301 14.99 5.62 2.74
N MET A 302 14.69 5.89 1.47
CA MET A 302 15.69 6.47 0.56
C MET A 302 15.83 7.97 0.74
N SER A 303 16.79 8.56 0.03
CA SER A 303 17.16 9.94 0.28
C SER A 303 16.09 10.94 -0.19
N ASP A 304 15.13 10.45 -0.97
CA ASP A 304 14.01 11.31 -1.37
C ASP A 304 12.79 11.14 -0.45
N GLY A 305 12.93 10.31 0.59
CA GLY A 305 11.87 10.09 1.56
C GLY A 305 11.02 8.86 1.25
N TRP A 306 11.26 8.22 0.11
CA TRP A 306 10.47 7.03 -0.28
C TRP A 306 10.94 5.75 0.34
N HIS A 307 10.00 4.93 0.79
CA HIS A 307 10.32 3.54 1.08
C HIS A 307 10.83 2.82 -0.16
N LYS A 308 11.84 1.96 0.01
CA LYS A 308 12.48 1.28 -1.12
C LYS A 308 11.56 0.44 -2.00
N GLU A 309 10.47 -0.07 -1.45
CA GLU A 309 9.62 -0.96 -2.24
C GLU A 309 8.74 -0.18 -3.25
N MET A 310 8.74 1.14 -3.14
CA MET A 310 8.11 2.02 -4.18
C MET A 310 6.60 1.83 -4.33
N SER A 311 5.97 1.31 -3.27
CA SER A 311 4.51 1.17 -3.19
C SER A 311 3.99 2.14 -2.15
N LEU A 312 3.08 3.03 -2.53
CA LEU A 312 2.51 3.95 -1.56
C LEU A 312 1.90 3.20 -0.36
N HIS A 313 1.18 2.13 -0.64
CA HIS A 313 0.57 1.35 0.42
C HIS A 313 1.61 0.87 1.43
N TYR A 314 2.65 0.21 0.96
CA TYR A 314 3.67 -0.32 1.87
C TYR A 314 4.50 0.77 2.50
N HIS A 315 4.65 1.88 1.79
CA HIS A 315 5.32 3.06 2.35
C HIS A 315 4.59 3.58 3.56
N ILE A 316 3.28 3.79 3.42
CA ILE A 316 2.46 4.22 4.54
C ILE A 316 2.56 3.21 5.70
N GLY A 317 2.56 1.92 5.36
CA GLY A 317 2.60 0.86 6.35
C GLY A 317 3.89 0.85 7.16
N ILE A 318 5.03 1.00 6.49
CA ILE A 318 6.31 1.02 7.24
C ILE A 318 6.44 2.27 8.11
N VAL A 319 6.01 3.41 7.60
CA VAL A 319 6.02 4.64 8.42
C VAL A 319 5.12 4.47 9.66
N ALA A 320 3.99 3.78 9.50
CA ALA A 320 3.11 3.50 10.62
C ALA A 320 3.80 2.59 11.66
N ASP A 321 4.49 1.56 11.18
CA ASP A 321 5.19 0.65 12.09
C ASP A 321 6.27 1.39 12.87
N PHE A 322 7.00 2.27 12.21
CA PHE A 322 8.02 3.08 12.92
C PHE A 322 7.38 4.04 13.92
N TYR A 323 6.36 4.77 13.47
CA TYR A 323 5.64 5.68 14.35
C TYR A 323 5.11 4.97 15.60
N GLU A 324 4.46 3.84 15.40
CA GLU A 324 3.80 3.17 16.50
C GLU A 324 4.82 2.61 17.49
N ALA A 325 5.97 2.16 17.00
CA ALA A 325 7.04 1.69 17.92
C ALA A 325 7.60 2.85 18.72
N MET A 326 7.72 4.01 18.09
CA MET A 326 8.17 5.21 18.80
C MET A 326 7.18 5.60 19.91
N LYS A 327 5.89 5.58 19.62
CA LYS A 327 4.88 5.94 20.62
C LYS A 327 4.82 4.90 21.74
N LEU A 328 5.00 3.64 21.37
CA LEU A 328 5.03 2.54 22.34
C LEU A 328 6.18 2.74 23.32
N ALA A 329 7.37 3.00 22.78
CA ALA A 329 8.55 3.24 23.62
C ALA A 329 8.32 4.44 24.52
N GLU A 330 7.79 5.52 23.95
CA GLU A 330 7.53 6.75 24.71
C GLU A 330 6.56 6.51 25.88
N ALA A 331 5.51 5.71 25.65
CA ALA A 331 4.47 5.48 26.65
C ALA A 331 4.94 4.56 27.79
N ASN A 332 6.11 3.97 27.63
CA ASN A 332 6.61 2.97 28.58
C ASN A 332 8.01 3.26 29.12
N GLN A 333 8.41 4.54 29.09
CA GLN A 333 9.73 4.98 29.58
C GLN A 333 10.89 4.30 28.86
N LEU A 334 10.70 3.97 27.59
CA LEU A 334 11.71 3.24 26.82
C LEU A 334 12.20 4.00 25.58
N SER A 335 12.03 5.31 25.58
CA SER A 335 12.47 6.14 24.45
C SER A 335 13.96 6.00 24.14
N SER A 336 14.76 5.65 25.16
CA SER A 336 16.20 5.41 24.99
C SER A 336 16.54 4.19 24.13
N LYS A 337 15.56 3.32 23.90
CA LYS A 337 15.75 2.15 23.04
C LYS A 337 15.85 2.54 21.56
N LEU A 338 15.43 3.76 21.24
CA LEU A 338 15.54 4.27 19.86
C LEU A 338 16.44 5.49 19.84
N PRO A 339 17.12 5.75 18.69
CA PRO A 339 18.01 6.92 18.62
C PRO A 339 17.23 8.23 18.76
N SER A 340 17.90 9.28 19.24
CA SER A 340 17.28 10.58 19.42
C SER A 340 16.70 11.12 18.11
N ASP A 341 17.33 10.76 16.99
CA ASP A 341 16.91 11.23 15.66
C ASP A 341 16.03 10.22 14.91
N PHE A 342 15.41 9.30 15.67
CA PHE A 342 14.70 8.16 15.07
C PHE A 342 13.69 8.58 14.00
N THR A 343 12.90 9.60 14.31
CA THR A 343 11.80 9.99 13.39
C THR A 343 12.27 10.86 12.23
N GLU A 344 13.54 11.26 12.20
CA GLU A 344 13.99 12.17 11.14
C GLU A 344 13.73 11.67 9.71
N PRO A 345 14.02 10.38 9.39
CA PRO A 345 13.68 9.88 8.05
C PRO A 345 12.20 9.91 7.75
N LEU A 346 11.37 9.98 8.79
CA LEU A 346 9.91 9.93 8.57
C LEU A 346 9.37 11.27 8.10
N ARG A 347 10.17 12.33 8.22
CA ARG A 347 9.72 13.67 7.84
C ARG A 347 9.44 13.74 6.33
N LYS A 348 10.44 13.39 5.52
CA LYS A 348 10.25 13.38 4.06
C LYS A 348 9.30 12.24 3.69
N ALA A 349 9.26 11.19 4.50
CA ALA A 349 8.32 10.09 4.23
C ALA A 349 6.87 10.55 4.38
N ALA A 350 6.59 11.40 5.36
CA ALA A 350 5.23 11.96 5.52
C ALA A 350 4.93 12.90 4.35
N GLU A 351 5.96 13.63 3.91
CA GLU A 351 5.80 14.55 2.77
C GLU A 351 5.45 13.79 1.50
N VAL A 352 6.01 12.59 1.33
CA VAL A 352 5.62 11.72 0.21
C VAL A 352 4.10 11.53 0.18
N VAL A 353 3.52 11.19 1.33
CA VAL A 353 2.09 10.92 1.41
C VAL A 353 1.28 12.16 1.02
N MET A 354 1.72 13.32 1.52
CA MET A 354 1.08 14.59 1.16
C MET A 354 1.03 14.80 -0.37
N TYR A 355 2.15 14.54 -1.04
CA TYR A 355 2.23 14.72 -2.51
C TYR A 355 1.49 13.64 -3.29
N PHE A 356 1.22 12.52 -2.61
CA PHE A 356 0.52 11.39 -3.23
C PHE A 356 -0.94 11.32 -2.83
N THR A 357 -1.46 12.42 -2.32
CA THR A 357 -2.88 12.55 -2.00
C THR A 357 -3.48 13.57 -2.99
N TYR A 358 -4.47 13.15 -3.75
CA TYR A 358 -5.08 14.08 -4.70
C TYR A 358 -6.04 15.07 -4.04
N PRO A 359 -6.29 16.21 -4.70
CA PRO A 359 -7.10 17.26 -4.09
C PRO A 359 -8.55 16.90 -3.81
N ASN A 360 -9.09 15.86 -4.45
CA ASN A 360 -10.45 15.44 -4.11
C ASN A 360 -10.56 14.86 -2.71
N TYR A 361 -9.41 14.53 -2.10
CA TYR A 361 -9.38 14.21 -0.67
C TYR A 361 -9.93 15.33 0.23
N PHE A 362 -9.83 16.59 -0.22
CA PHE A 362 -10.27 17.75 0.56
C PHE A 362 -11.78 17.98 0.57
N ILE A 363 -12.50 17.24 -0.27
CA ILE A 363 -13.98 17.28 -0.25
C ILE A 363 -14.54 15.95 0.20
N LYS A 364 -15.84 15.92 0.53
CA LYS A 364 -16.49 14.66 0.88
C LYS A 364 -16.68 13.82 -0.37
N GLY A 365 -16.69 12.51 -0.19
CA GLY A 365 -16.88 11.60 -1.33
C GLY A 365 -16.60 10.16 -0.98
N SER A 366 -16.87 9.30 -1.94
CA SER A 366 -16.67 7.86 -1.78
C SER A 366 -15.70 7.31 -2.83
N ASP A 367 -15.18 8.18 -3.69
CA ASP A 367 -14.25 7.73 -4.73
C ASP A 367 -12.83 7.63 -4.18
N ASN A 368 -11.90 7.22 -5.03
CA ASN A 368 -10.51 7.03 -4.60
C ASN A 368 -9.82 8.38 -4.62
N VAL A 369 -8.77 8.53 -3.80
CA VAL A 369 -8.11 9.83 -3.67
C VAL A 369 -6.58 9.72 -3.77
N VAL A 370 -6.09 8.55 -4.17
CA VAL A 370 -4.64 8.34 -4.32
C VAL A 370 -4.32 7.69 -5.67
N PRO A 371 -3.07 7.82 -6.14
CA PRO A 371 -2.62 7.02 -7.27
C PRO A 371 -2.45 5.57 -6.88
N MET A 372 -2.54 4.68 -7.86
CA MET A 372 -2.37 3.26 -7.62
C MET A 372 -1.21 2.68 -8.42
N PHE A 373 0.00 3.21 -8.21
CA PHE A 373 1.17 2.74 -8.94
C PHE A 373 1.76 1.47 -8.27
N ASN A 374 2.24 0.54 -9.10
CA ASN A 374 2.82 -0.70 -8.60
C ASN A 374 1.83 -1.53 -7.76
N ASP A 375 2.32 -2.25 -6.75
CA ASP A 375 1.41 -2.97 -5.84
C ASP A 375 0.90 -2.00 -4.77
N SER A 376 -0.10 -1.21 -5.14
CA SER A 376 -0.67 -0.22 -4.26
C SER A 376 -2.09 0.01 -4.81
N TRP A 377 -3.03 0.28 -3.91
CA TRP A 377 -4.43 0.31 -4.33
C TRP A 377 -5.20 1.45 -3.70
N SER A 378 -6.53 1.36 -3.67
CA SER A 378 -7.32 2.49 -3.19
C SER A 378 -7.14 2.77 -1.69
N ARG A 379 -7.44 4.00 -1.30
CA ARG A 379 -7.32 4.43 0.10
C ARG A 379 -8.41 5.44 0.37
N THR A 380 -9.04 5.35 1.54
CA THR A 380 -10.17 6.23 1.88
C THR A 380 -9.73 7.54 2.50
N ARG A 381 -10.59 8.54 2.39
CA ARG A 381 -10.42 9.81 3.10
C ARG A 381 -10.27 9.56 4.60
N ASN A 382 -11.09 8.68 5.17
CA ASN A 382 -11.04 8.49 6.62
C ASN A 382 -9.70 7.91 7.08
N VAL A 383 -9.14 7.00 6.30
CA VAL A 383 -7.84 6.42 6.68
C VAL A 383 -6.76 7.48 6.59
N LEU A 384 -6.73 8.23 5.49
CA LEU A 384 -5.71 9.30 5.37
C LEU A 384 -5.86 10.37 6.45
N LYS A 385 -7.10 10.81 6.68
CA LYS A 385 -7.36 11.91 7.59
C LYS A 385 -7.16 11.50 9.05
N ASN A 386 -7.76 10.38 9.44
CA ASN A 386 -7.85 10.06 10.87
C ASN A 386 -6.86 8.99 11.33
N THR A 387 -6.04 8.49 10.41
CA THR A 387 -4.91 7.63 10.78
C THR A 387 -3.59 8.20 10.29
N ASN A 388 -3.41 8.31 8.96
CA ASN A 388 -2.11 8.63 8.38
C ASN A 388 -1.66 10.05 8.69
N PHE A 389 -2.41 11.04 8.21
CA PHE A 389 -2.03 12.43 8.52
C PHE A 389 -2.15 12.76 10.00
N LYS A 390 -3.01 12.06 10.73
CA LYS A 390 -3.13 12.23 12.17
C LYS A 390 -1.77 11.90 12.80
N GLN A 391 -1.19 10.78 12.40
CA GLN A 391 0.13 10.40 12.97
C GLN A 391 1.22 11.37 12.54
N TYR A 392 1.18 11.84 11.29
CA TYR A 392 2.26 12.71 10.82
C TYR A 392 2.24 14.05 11.55
N VAL A 393 1.03 14.58 11.78
CA VAL A 393 0.87 15.82 12.54
C VAL A 393 1.39 15.66 13.97
N GLU A 394 1.07 14.52 14.56
CA GLU A 394 1.54 14.22 15.92
C GLU A 394 3.07 14.16 15.97
N MET A 395 3.69 13.57 14.96
CA MET A 395 5.17 13.50 14.91
C MET A 395 5.82 14.82 14.59
N PHE A 396 5.15 15.63 13.76
CA PHE A 396 5.76 16.86 13.25
C PHE A 396 4.80 18.01 13.48
N PRO A 397 4.65 18.42 14.75
CA PRO A 397 3.64 19.41 15.11
C PRO A 397 3.90 20.80 14.54
N ASP A 398 5.10 21.04 14.04
CA ASP A 398 5.38 22.37 13.49
C ASP A 398 5.17 22.45 11.98
N SER A 399 4.69 21.35 11.37
CA SER A 399 4.47 21.35 9.92
C SER A 399 3.10 21.93 9.60
N GLU A 400 3.05 23.14 9.05
CA GLU A 400 1.74 23.72 8.69
C GLU A 400 1.15 22.96 7.53
N GLU A 401 2.00 22.34 6.71
CA GLU A 401 1.53 21.61 5.52
C GLU A 401 0.84 20.29 5.89
N LEU A 402 1.44 19.52 6.79
CA LEU A 402 0.78 18.30 7.25
C LEU A 402 -0.47 18.63 8.06
N LYS A 403 -0.47 19.76 8.77
CA LYS A 403 -1.65 20.20 9.51
C LYS A 403 -2.80 20.46 8.53
N TYR A 404 -2.46 21.12 7.42
CA TYR A 404 -3.47 21.35 6.38
C TYR A 404 -4.01 20.03 5.85
N MET A 405 -3.12 19.08 5.54
CA MET A 405 -3.58 17.78 5.05
C MET A 405 -4.56 17.12 6.02
N GLN A 406 -4.22 17.12 7.30
CA GLN A 406 -5.09 16.47 8.28
C GLN A 406 -6.44 17.19 8.42
N THR A 407 -6.39 18.51 8.54
CA THR A 407 -7.59 19.29 8.90
C THR A 407 -8.51 19.49 7.71
N ALA A 408 -7.93 19.74 6.53
CA ALA A 408 -8.77 20.03 5.35
C ALA A 408 -9.36 18.75 4.76
N GLY A 409 -8.85 17.60 5.16
CA GLY A 409 -9.36 16.33 4.63
C GLY A 409 -10.86 16.19 4.83
N ASN A 410 -11.50 15.60 3.83
CA ASN A 410 -12.93 15.24 3.90
C ASN A 410 -13.86 16.44 4.17
N GLY A 411 -13.54 17.58 3.57
CA GLY A 411 -14.33 18.80 3.75
C GLY A 411 -14.20 19.44 5.11
N GLY A 412 -13.13 19.12 5.83
CA GLY A 412 -12.92 19.66 7.16
C GLY A 412 -12.51 21.11 7.14
N THR A 413 -12.44 21.71 8.33
CA THR A 413 -12.10 23.11 8.45
C THR A 413 -10.58 23.24 8.41
N ALA A 414 -10.07 23.88 7.37
CA ALA A 414 -8.63 23.92 7.09
C ALA A 414 -7.86 24.77 8.07
N GLN A 415 -6.77 24.21 8.61
CA GLN A 415 -5.78 24.98 9.37
C GLN A 415 -4.45 24.78 8.68
N GLY A 416 -3.50 25.70 8.89
CA GLY A 416 -2.21 25.57 8.23
C GLY A 416 -2.31 25.96 6.76
N ARG A 417 -1.35 25.56 5.96
CA ARG A 417 -1.38 25.88 4.52
C ARG A 417 -0.58 24.90 3.74
N THR A 418 -0.88 24.82 2.45
CA THR A 418 -0.18 23.90 1.56
C THR A 418 1.19 24.42 1.14
N PRO A 419 2.04 23.53 0.57
CA PRO A 419 3.21 24.02 -0.15
C PRO A 419 2.81 24.90 -1.35
N ASN A 420 3.82 25.51 -1.98
CA ASN A 420 3.64 26.14 -3.28
C ASN A 420 3.40 25.08 -4.38
N ASN A 421 3.30 25.54 -5.62
CA ASN A 421 2.96 24.65 -6.74
C ASN A 421 4.18 24.11 -7.48
N ASP A 422 5.36 24.20 -6.87
CA ASP A 422 6.58 23.72 -7.56
C ASP A 422 6.52 22.23 -7.81
N MET A 423 7.18 21.79 -8.88
CA MET A 423 7.27 20.36 -9.15
C MET A 423 8.01 19.69 -8.01
N LYS A 424 7.66 18.45 -7.75
CA LYS A 424 8.27 17.68 -6.68
C LYS A 424 8.80 16.39 -7.29
N LEU A 425 10.11 16.21 -7.20
CA LEU A 425 10.80 15.11 -7.85
C LEU A 425 11.36 14.16 -6.80
N PHE A 426 11.01 12.89 -6.94
CA PHE A 426 11.53 11.85 -6.04
C PHE A 426 12.48 10.99 -6.88
N ASP A 427 13.76 11.30 -6.78
CA ASP A 427 14.75 10.75 -7.70
C ASP A 427 15.39 9.42 -7.28
N GLN A 428 14.91 8.86 -6.16
CA GLN A 428 15.33 7.52 -5.74
C GLN A 428 14.25 6.50 -6.10
N ALA A 429 13.00 6.79 -5.76
CA ALA A 429 11.89 5.92 -6.17
C ALA A 429 11.52 6.11 -7.63
N GLY A 430 11.80 7.29 -8.17
CA GLY A 430 11.42 7.62 -9.55
C GLY A 430 9.96 8.00 -9.66
N TYR A 431 9.57 9.07 -8.96
CA TYR A 431 8.22 9.63 -9.16
C TYR A 431 8.34 11.13 -9.31
N TYR A 432 7.57 11.71 -10.25
CA TYR A 432 7.71 13.15 -10.53
C TYR A 432 6.31 13.77 -10.50
N VAL A 433 6.11 14.78 -9.66
CA VAL A 433 4.77 15.34 -9.45
C VAL A 433 4.68 16.78 -9.95
N LEU A 434 3.80 17.00 -10.93
CA LEU A 434 3.57 18.33 -11.48
C LEU A 434 2.18 18.80 -11.06
N ARG A 435 2.05 20.08 -10.71
CA ARG A 435 0.75 20.60 -10.28
C ARG A 435 0.60 22.09 -10.53
N ASN A 436 -0.63 22.55 -10.66
CA ASN A 436 -0.89 23.99 -10.66
C ASN A 436 -1.64 24.47 -9.43
N GLY A 437 -1.60 23.68 -8.35
CA GLY A 437 -2.30 24.02 -7.14
C GLY A 437 -2.58 22.81 -6.28
N TRP A 438 -3.26 23.06 -5.17
CA TRP A 438 -3.63 22.02 -4.21
C TRP A 438 -5.13 21.94 -4.00
N THR A 439 -5.90 22.71 -4.77
CA THR A 439 -7.34 22.80 -4.59
C THR A 439 -8.03 21.74 -5.41
N PRO A 440 -9.28 21.39 -5.06
CA PRO A 440 -10.02 20.42 -5.88
C PRO A 440 -10.09 20.78 -7.38
N ALA A 441 -10.06 22.08 -7.71
CA ALA A 441 -10.10 22.51 -9.11
C ALA A 441 -8.75 22.37 -9.81
N SER A 442 -7.70 22.04 -9.05
CA SER A 442 -6.37 22.00 -9.63
C SER A 442 -6.08 20.78 -10.51
N THR A 443 -4.90 20.81 -11.13
CA THR A 443 -4.40 19.72 -11.97
C THR A 443 -3.16 19.15 -11.29
N VAL A 444 -3.10 17.84 -11.22
CA VAL A 444 -1.91 17.14 -10.67
C VAL A 444 -1.58 15.97 -11.58
N MET A 445 -0.37 15.97 -12.15
CA MET A 445 0.14 14.80 -12.89
C MET A 445 1.23 14.14 -12.08
N ILE A 446 1.13 12.84 -11.89
CA ILE A 446 2.23 12.08 -11.27
C ILE A 446 2.75 11.11 -12.30
N LEU A 447 4.05 11.22 -12.58
CA LEU A 447 4.73 10.32 -13.52
C LEU A 447 5.57 9.35 -12.71
N SER A 448 5.67 8.12 -13.20
CA SER A 448 6.43 7.06 -12.52
C SER A 448 7.55 6.56 -13.43
N ASN A 449 8.72 6.32 -12.85
CA ASN A 449 9.88 5.88 -13.62
C ASN A 449 10.80 5.18 -12.63
N ASN A 450 10.33 4.03 -12.13
CA ASN A 450 10.94 3.41 -10.94
C ASN A 450 12.30 2.78 -11.20
N LYS A 451 12.98 2.43 -10.11
CA LYS A 451 14.39 2.04 -10.20
C LYS A 451 14.60 0.93 -9.17
N SER A 452 15.01 -0.24 -9.64
CA SER A 452 15.18 -1.40 -8.77
C SER A 452 16.27 -1.10 -7.76
N ASN A 453 16.15 -1.72 -6.59
CA ASN A 453 17.12 -1.53 -5.53
C ASN A 453 17.20 -2.84 -4.72
N ASP A 454 17.94 -2.84 -3.62
CA ASP A 454 18.14 -4.12 -2.93
C ASP A 454 16.86 -4.72 -2.33
N ALA A 455 15.85 -3.90 -2.09
CA ALA A 455 14.59 -4.37 -1.51
C ALA A 455 13.52 -4.61 -2.59
N SER A 456 13.86 -4.23 -3.83
CA SER A 456 12.96 -4.38 -4.97
C SER A 456 13.83 -4.70 -6.16
N ASN A 457 14.26 -5.95 -6.28
CA ASN A 457 15.27 -6.27 -7.28
C ASN A 457 14.71 -6.96 -8.54
N SER A 458 13.39 -7.16 -8.57
CA SER A 458 12.76 -7.98 -9.59
C SER A 458 11.58 -7.27 -10.27
N LEU A 459 11.26 -7.71 -11.48
CA LEU A 459 10.01 -7.33 -12.14
C LEU A 459 9.16 -8.56 -12.39
N SER A 460 9.55 -9.69 -11.78
CA SER A 460 8.76 -10.92 -11.89
C SER A 460 7.39 -10.75 -11.25
N ALA A 461 6.48 -11.67 -11.54
CA ALA A 461 5.08 -11.55 -11.13
C ALA A 461 4.86 -11.35 -9.62
N TYR A 462 5.77 -11.90 -8.79
CA TYR A 462 5.63 -11.77 -7.35
C TYR A 462 6.16 -10.43 -6.81
N SER A 463 6.80 -9.64 -7.66
CA SER A 463 7.37 -8.35 -7.24
C SER A 463 6.32 -7.29 -6.99
N HIS A 464 6.56 -6.44 -5.99
CA HIS A 464 5.68 -5.29 -5.76
C HIS A 464 5.91 -4.17 -6.73
N ASN A 465 6.96 -4.29 -7.54
CA ASN A 465 7.25 -3.30 -8.58
C ASN A 465 6.78 -3.80 -9.94
N GLN A 466 5.93 -3.01 -10.59
CA GLN A 466 5.45 -3.35 -11.92
C GLN A 466 6.36 -2.81 -13.03
N PRO A 467 6.38 -3.48 -14.21
CA PRO A 467 7.24 -3.05 -15.32
C PRO A 467 6.55 -1.93 -16.11
N ASP A 468 6.44 -0.75 -15.50
CA ASP A 468 5.54 0.29 -15.98
C ASP A 468 6.22 1.66 -16.18
N ASN A 469 7.56 1.65 -16.32
CA ASN A 469 8.27 2.92 -16.42
C ASN A 469 7.69 3.85 -17.47
N GLY A 470 7.52 5.10 -17.05
CA GLY A 470 7.02 6.16 -17.92
C GLY A 470 5.55 6.48 -17.68
N THR A 471 4.83 5.53 -17.06
CA THR A 471 3.38 5.70 -16.86
C THR A 471 3.04 6.92 -15.98
N PHE A 472 1.82 7.40 -16.08
CA PHE A 472 1.40 8.55 -15.31
C PHE A 472 -0.08 8.40 -14.96
N GLU A 473 -0.48 9.15 -13.94
CA GLU A 473 -1.90 9.41 -13.67
C GLU A 473 -2.14 10.90 -13.87
N LEU A 474 -3.41 11.28 -14.00
CA LEU A 474 -3.72 12.70 -14.19
C LEU A 474 -5.01 13.10 -13.53
N TYR A 475 -4.89 13.85 -12.43
CA TYR A 475 -6.03 14.45 -11.76
C TYR A 475 -6.26 15.83 -12.34
N HIS A 476 -7.50 16.10 -12.74
CA HIS A 476 -7.83 17.44 -13.17
C HIS A 476 -9.23 17.84 -12.78
N ASN A 477 -9.32 18.88 -11.94
CA ASN A 477 -10.58 19.51 -11.59
C ASN A 477 -11.64 18.52 -11.07
N GLY A 478 -11.19 17.52 -10.31
CA GLY A 478 -12.09 16.60 -9.62
C GLY A 478 -12.17 15.20 -10.21
N ARG A 479 -11.53 14.98 -11.34
CA ARG A 479 -11.61 13.70 -12.05
C ARG A 479 -10.19 13.20 -12.33
N ASN A 480 -9.94 11.92 -12.02
CA ASN A 480 -8.69 11.30 -12.39
C ASN A 480 -8.88 10.70 -13.78
N PHE A 481 -8.27 11.36 -14.78
CA PHE A 481 -8.51 10.93 -16.18
C PHE A 481 -7.69 9.73 -16.61
N PHE A 482 -6.61 9.43 -15.87
CA PHE A 482 -5.78 8.30 -16.22
C PHE A 482 -5.45 7.47 -14.98
N PRO A 483 -6.47 6.89 -14.33
CA PRO A 483 -6.17 6.14 -13.12
C PRO A 483 -5.46 4.82 -13.47
N ASP A 484 -4.47 4.44 -12.68
CA ASP A 484 -3.69 3.25 -12.95
C ASP A 484 -4.58 1.99 -12.92
N SER A 485 -4.28 1.03 -13.78
CA SER A 485 -5.01 -0.25 -13.82
C SER A 485 -5.05 -0.94 -12.45
N GLY A 486 -4.02 -0.74 -11.64
CA GLY A 486 -4.05 -1.27 -10.28
C GLY A 486 -3.56 -2.71 -10.18
N VAL A 487 -3.96 -3.38 -9.11
CA VAL A 487 -3.33 -4.66 -8.74
C VAL A 487 -4.24 -5.85 -9.07
N CYS A 488 -5.48 -5.77 -8.56
CA CYS A 488 -6.53 -6.81 -8.72
C CYS A 488 -6.26 -8.05 -7.85
N THR A 489 -5.08 -8.65 -8.02
CA THR A 489 -4.75 -9.86 -7.28
C THR A 489 -3.28 -9.94 -6.95
N TYR A 490 -2.99 -10.67 -5.88
CA TYR A 490 -1.61 -11.02 -5.58
C TYR A 490 -1.25 -12.35 -6.26
N TYR A 491 0.02 -12.72 -6.15
CA TYR A 491 0.56 -13.94 -6.74
C TYR A 491 -0.04 -15.24 -6.15
N THR A 492 -0.17 -16.25 -7.01
CA THR A 492 -0.68 -17.57 -6.63
C THR A 492 0.41 -18.61 -6.89
N SER A 493 0.81 -19.31 -5.84
CA SER A 493 1.76 -20.40 -5.96
C SER A 493 1.20 -21.53 -6.80
N GLY A 494 1.98 -21.95 -7.79
CA GLY A 494 1.64 -23.08 -8.67
C GLY A 494 0.35 -22.90 -9.43
N GLY A 495 -0.18 -21.69 -9.36
CA GLY A 495 -1.56 -21.50 -9.75
C GLY A 495 -1.73 -20.65 -10.98
N ASP A 496 -2.99 -20.32 -11.21
CA ASP A 496 -3.40 -19.43 -12.25
C ASP A 496 -2.94 -18.03 -11.84
N ASN A 497 -2.03 -17.44 -12.63
CA ASN A 497 -1.63 -16.03 -12.42
C ASN A 497 -2.02 -15.12 -13.57
N ASP A 498 -3.02 -15.56 -14.35
CA ASP A 498 -3.51 -14.78 -15.49
C ASP A 498 -3.86 -13.34 -15.11
N LEU A 499 -4.72 -13.17 -14.09
CA LEU A 499 -5.14 -11.83 -13.67
C LEU A 499 -3.97 -11.02 -13.14
N ARG A 500 -3.12 -11.67 -12.33
CA ARG A 500 -1.92 -11.03 -11.81
C ARG A 500 -1.05 -10.45 -12.94
N TYR A 501 -0.78 -11.26 -13.95
CA TYR A 501 0.01 -10.83 -15.09
C TYR A 501 -0.71 -9.74 -15.88
N TRP A 502 -2.03 -9.87 -16.02
CA TRP A 502 -2.78 -8.93 -16.86
C TRP A 502 -2.55 -7.51 -16.37
N PHE A 503 -2.74 -7.30 -15.08
CA PHE A 503 -2.64 -5.97 -14.51
C PHE A 503 -1.21 -5.43 -14.47
N ARG A 504 -0.24 -6.32 -14.61
CA ARG A 504 1.16 -5.90 -14.65
C ARG A 504 1.62 -5.45 -16.03
N GLY A 505 0.82 -5.70 -17.05
CA GLY A 505 1.27 -5.47 -18.42
C GLY A 505 1.57 -4.03 -18.73
N ILE A 506 2.68 -3.80 -19.44
CA ILE A 506 3.15 -2.46 -19.72
C ILE A 506 2.12 -1.65 -20.53
N ASP A 507 1.41 -2.32 -21.43
CA ASP A 507 0.44 -1.63 -22.27
C ASP A 507 -0.85 -1.32 -21.50
N LYS A 508 -1.01 -1.89 -20.30
CA LYS A 508 -2.13 -1.54 -19.43
C LYS A 508 -1.76 -0.32 -18.57
N HIS A 509 -0.58 0.25 -18.87
CA HIS A 509 -0.11 1.52 -18.33
C HIS A 509 0.01 2.52 -19.44
N ASN A 510 0.43 3.75 -19.13
CA ASN A 510 0.40 4.83 -20.12
C ASN A 510 1.80 5.19 -20.54
N THR A 511 2.33 4.41 -21.48
CA THR A 511 3.75 4.50 -21.77
C THR A 511 4.10 3.86 -23.13
N LEU A 512 5.40 3.74 -23.40
CA LEU A 512 5.91 3.20 -24.66
C LEU A 512 6.42 1.78 -24.47
N SER A 513 6.04 0.88 -25.36
CA SER A 513 6.58 -0.49 -25.32
C SER A 513 6.84 -0.99 -26.73
N ILE A 514 7.61 -2.08 -26.84
CA ILE A 514 7.73 -2.76 -28.13
C ILE A 514 6.96 -4.09 -28.11
N GLY A 515 6.01 -4.22 -29.03
CA GLY A 515 5.20 -5.42 -29.15
C GLY A 515 4.43 -5.72 -27.88
N LYS A 516 4.07 -4.67 -27.15
CA LYS A 516 3.42 -4.76 -25.84
C LYS A 516 4.15 -5.70 -24.85
N GLN A 517 5.45 -5.92 -25.07
CA GLN A 517 6.24 -6.79 -24.18
C GLN A 517 6.69 -6.01 -22.96
N ASN A 518 6.55 -6.60 -21.77
CA ASN A 518 7.05 -5.94 -20.55
C ASN A 518 8.53 -5.64 -20.65
N ILE A 519 8.91 -4.46 -20.18
CA ILE A 519 10.32 -4.12 -20.04
C ILE A 519 10.97 -5.11 -19.07
N LYS A 520 12.28 -5.28 -19.23
CA LYS A 520 13.01 -6.24 -18.41
C LYS A 520 13.84 -5.58 -17.32
N LYS A 521 14.00 -4.26 -17.39
CA LYS A 521 14.83 -3.52 -16.43
C LYS A 521 14.15 -2.23 -15.99
N ALA A 522 14.05 -2.06 -14.67
CA ALA A 522 13.61 -0.79 -14.10
C ALA A 522 14.83 -0.07 -13.55
N ALA A 523 15.29 0.95 -14.29
CA ALA A 523 16.48 1.72 -13.91
C ALA A 523 16.26 3.18 -14.27
N GLY A 524 15.09 3.72 -13.87
CA GLY A 524 14.72 5.06 -14.30
C GLY A 524 15.77 6.12 -13.99
N LYS A 525 16.07 6.95 -14.97
CA LYS A 525 16.98 8.07 -14.80
C LYS A 525 16.29 9.40 -15.12
N LEU A 526 16.32 10.33 -14.17
CA LEU A 526 15.88 11.70 -14.40
C LEU A 526 16.96 12.45 -15.16
N LEU A 527 16.60 13.06 -16.29
CA LEU A 527 17.59 13.70 -17.17
C LEU A 527 17.65 15.22 -17.02
N LYS A 528 16.49 15.84 -16.83
CA LYS A 528 16.41 17.31 -16.80
C LYS A 528 15.11 17.72 -16.16
N SER A 529 15.14 18.81 -15.40
CA SER A 529 13.90 19.45 -14.99
C SER A 529 14.09 20.95 -15.08
N GLU A 530 13.02 21.64 -15.47
CA GLU A 530 13.08 23.10 -15.57
C GLU A 530 11.78 23.71 -15.08
N GLU A 531 11.89 24.76 -14.25
CA GLU A 531 10.71 25.48 -13.77
C GLU A 531 10.46 26.67 -14.69
N GLY A 532 9.32 27.33 -14.52
CA GLY A 532 9.00 28.48 -15.35
C GLY A 532 7.56 28.43 -15.78
N ALA A 533 7.20 29.31 -16.71
CA ALA A 533 5.83 29.34 -17.21
C ALA A 533 5.43 27.99 -17.78
N THR A 534 6.34 27.37 -18.51
CA THR A 534 6.18 25.98 -18.95
C THR A 534 7.17 25.15 -18.16
N GLU A 535 6.65 24.18 -17.41
CA GLU A 535 7.52 23.30 -16.64
C GLU A 535 7.90 22.12 -17.50
N LEU A 536 9.08 21.58 -17.23
CA LEU A 536 9.60 20.46 -18.00
C LEU A 536 10.22 19.40 -17.12
N VAL A 537 9.88 18.14 -17.37
CA VAL A 537 10.66 17.03 -16.82
C VAL A 537 11.01 16.09 -17.96
N VAL A 538 12.27 15.69 -18.05
CA VAL A 538 12.70 14.75 -19.08
C VAL A 538 13.35 13.60 -18.33
N PHE A 539 12.97 12.37 -18.68
CA PHE A 539 13.53 11.18 -18.04
C PHE A 539 13.58 10.04 -19.05
N GLU A 540 14.28 8.97 -18.68
CA GLU A 540 14.40 7.82 -19.56
C GLU A 540 14.54 6.54 -18.74
N ASN A 541 14.37 5.43 -19.43
CA ASN A 541 14.64 4.14 -18.85
C ASN A 541 15.07 3.18 -19.93
N GLN A 542 16.18 2.48 -19.68
CA GLN A 542 16.67 1.45 -20.59
C GLN A 542 15.90 0.16 -20.27
N GLY A 543 14.64 0.12 -20.69
CA GLY A 543 13.73 -0.96 -20.30
C GLY A 543 14.06 -2.28 -20.99
N TYR A 544 14.58 -2.17 -22.22
CA TYR A 544 15.02 -3.34 -22.99
C TYR A 544 16.46 -3.10 -23.43
N ASP A 545 17.21 -4.17 -23.67
CA ASP A 545 18.63 -3.98 -23.97
C ASP A 545 18.86 -3.16 -25.25
N ASN A 546 17.91 -3.23 -26.17
CA ASN A 546 18.03 -2.53 -27.45
C ASN A 546 16.95 -1.46 -27.70
N LEU A 547 16.24 -1.05 -26.63
CA LEU A 547 15.23 0.00 -26.78
C LEU A 547 15.07 0.76 -25.47
N LYS A 548 15.47 2.02 -25.50
CA LYS A 548 15.38 2.94 -24.37
C LYS A 548 14.21 3.88 -24.62
N HIS A 549 13.37 4.06 -23.60
CA HIS A 549 12.28 5.02 -23.68
C HIS A 549 12.67 6.31 -23.04
N ARG A 550 12.68 7.40 -23.80
CA ARG A 550 12.85 8.74 -23.22
C ARG A 550 11.52 9.47 -23.32
N ARG A 551 11.07 10.02 -22.20
CA ARG A 551 9.81 10.78 -22.15
C ARG A 551 10.09 12.18 -21.63
N ALA A 552 9.67 13.18 -22.41
CA ALA A 552 9.74 14.58 -21.99
C ALA A 552 8.31 15.05 -21.81
N VAL A 553 8.04 15.67 -20.66
CA VAL A 553 6.71 16.23 -20.40
C VAL A 553 6.84 17.74 -20.25
N PHE A 554 6.18 18.47 -21.14
CA PHE A 554 6.07 19.91 -21.01
C PHE A 554 4.71 20.22 -20.41
N TYR A 555 4.70 20.96 -19.31
CA TYR A 555 3.45 21.41 -18.72
C TYR A 555 3.28 22.85 -19.18
N VAL A 556 2.60 22.98 -20.33
CA VAL A 556 2.62 24.23 -21.11
C VAL A 556 1.75 25.28 -20.46
N ASN A 557 2.39 26.40 -20.09
CA ASN A 557 1.72 27.45 -19.31
C ASN A 557 1.02 26.92 -18.06
N LYS A 558 1.51 25.78 -17.56
CA LYS A 558 0.89 25.03 -16.46
C LYS A 558 -0.62 24.89 -16.65
N LYS A 559 -0.99 24.62 -17.91
CA LYS A 559 -2.37 24.47 -18.34
C LYS A 559 -2.63 23.10 -18.98
N PHE A 560 -1.82 22.74 -19.98
CA PHE A 560 -2.00 21.46 -20.64
C PHE A 560 -0.65 20.74 -20.80
N PHE A 561 -0.71 19.49 -21.24
CA PHE A 561 0.51 18.67 -21.32
C PHE A 561 0.87 18.26 -22.73
N VAL A 562 2.16 18.29 -23.00
CA VAL A 562 2.74 17.75 -24.22
C VAL A 562 3.79 16.72 -23.84
N LEU A 563 3.60 15.49 -24.30
CA LEU A 563 4.53 14.39 -24.03
C LEU A 563 5.30 14.12 -25.31
N VAL A 564 6.62 14.20 -25.23
CA VAL A 564 7.46 13.86 -26.40
C VAL A 564 8.16 12.56 -26.07
N ASP A 565 7.75 11.49 -26.77
CA ASP A 565 8.20 10.14 -26.49
C ASP A 565 9.10 9.61 -27.58
N GLU A 566 10.23 9.02 -27.18
CA GLU A 566 11.18 8.52 -28.14
C GLU A 566 11.62 7.11 -27.75
N GLY A 567 11.55 6.19 -28.71
CA GLY A 567 12.01 4.82 -28.54
C GLY A 567 13.33 4.69 -29.28
N ILE A 568 14.40 4.61 -28.50
CA ILE A 568 15.77 4.83 -28.96
C ILE A 568 16.57 3.52 -28.91
N GLY A 569 17.17 3.15 -30.05
CA GLY A 569 17.98 1.93 -30.10
C GLY A 569 17.78 1.21 -31.43
N ASN A 570 18.38 0.04 -31.54
CA ASN A 570 18.26 -0.71 -32.79
C ASN A 570 17.18 -1.78 -32.85
N ALA A 571 16.32 -1.84 -31.83
CA ALA A 571 15.19 -2.76 -31.84
C ALA A 571 14.31 -2.56 -33.07
N GLU A 572 13.82 -3.66 -33.62
CA GLU A 572 12.94 -3.61 -34.79
C GLU A 572 11.65 -4.28 -34.41
N GLY A 573 10.54 -3.63 -34.76
CA GLY A 573 9.22 -4.21 -34.52
C GLY A 573 8.18 -3.12 -34.38
N THR A 574 7.04 -3.50 -33.81
CA THR A 574 5.93 -2.55 -33.61
C THR A 574 6.08 -1.88 -32.26
N ILE A 575 6.11 -0.55 -32.28
CA ILE A 575 6.11 0.25 -31.05
C ILE A 575 4.68 0.64 -30.72
N ASN A 576 4.32 0.52 -29.43
CA ASN A 576 2.97 0.83 -28.98
C ASN A 576 3.03 1.92 -27.93
N LEU A 577 2.34 3.01 -28.19
CA LEU A 577 2.19 4.06 -27.16
C LEU A 577 0.80 3.91 -26.57
N SER A 578 0.74 3.50 -25.30
CA SER A 578 -0.53 3.09 -24.69
C SER A 578 -1.16 4.14 -23.78
N PHE A 579 -2.50 4.12 -23.74
CA PHE A 579 -3.31 5.04 -22.95
C PHE A 579 -4.48 4.29 -22.35
N ASN A 580 -4.74 4.51 -21.07
CA ASN A 580 -5.80 3.79 -20.36
C ASN A 580 -6.62 4.82 -19.61
N LEU A 581 -7.85 5.05 -20.08
CA LEU A 581 -8.62 6.18 -19.63
C LEU A 581 -9.51 5.93 -18.43
N CYS A 582 -9.98 7.02 -17.81
CA CYS A 582 -10.96 6.93 -16.73
C CYS A 582 -12.19 6.11 -17.16
N GLU A 583 -12.85 5.51 -16.18
CA GLU A 583 -14.10 4.78 -16.40
C GLU A 583 -15.18 5.71 -16.89
N GLY A 584 -16.13 5.16 -17.64
CA GLY A 584 -17.30 5.92 -18.05
C GLY A 584 -18.12 4.99 -18.91
N THR A 585 -19.33 5.43 -19.26
CA THR A 585 -20.10 4.67 -20.25
C THR A 585 -19.41 4.79 -21.61
N ALA A 586 -19.90 4.01 -22.58
CA ALA A 586 -19.40 4.12 -23.94
C ALA A 586 -19.61 5.54 -24.49
N SER A 587 -20.58 6.27 -23.95
CA SER A 587 -20.87 7.62 -24.42
C SER A 587 -20.06 8.69 -23.73
N GLU A 588 -19.45 8.33 -22.61
CA GLU A 588 -18.65 9.30 -21.83
C GLU A 588 -17.16 9.33 -22.20
N VAL A 589 -16.65 8.25 -22.76
CA VAL A 589 -15.26 8.21 -23.20
C VAL A 589 -15.30 7.67 -24.61
N VAL A 590 -14.90 8.51 -25.57
CA VAL A 590 -15.16 8.19 -26.99
C VAL A 590 -13.88 8.24 -27.80
N MET A 591 -13.53 7.12 -28.43
CA MET A 591 -12.35 7.05 -29.28
C MET A 591 -12.50 7.91 -30.54
N ASP A 592 -11.52 8.78 -30.78
CA ASP A 592 -11.43 9.50 -32.06
C ASP A 592 -10.37 8.79 -32.90
N THR A 593 -10.73 7.61 -33.38
CA THR A 593 -9.75 6.71 -33.98
C THR A 593 -9.12 7.32 -35.22
N ASP A 594 -9.93 8.10 -35.94
CA ASP A 594 -9.48 8.85 -37.12
C ASP A 594 -8.50 9.98 -36.79
N LYS A 595 -8.43 10.34 -35.52
CA LYS A 595 -7.59 11.47 -35.08
C LYS A 595 -6.50 11.01 -34.11
N ASN A 596 -6.34 9.69 -33.97
CA ASN A 596 -5.29 9.13 -33.08
C ASN A 596 -5.38 9.63 -31.62
N GLY A 597 -6.58 9.53 -31.08
CA GLY A 597 -6.83 9.92 -29.70
C GLY A 597 -8.25 9.67 -29.25
N VAL A 598 -8.64 10.44 -28.25
CA VAL A 598 -9.85 10.15 -27.48
C VAL A 598 -10.32 11.47 -26.90
N HIS A 599 -11.60 11.52 -26.55
CA HIS A 599 -12.09 12.62 -25.75
C HIS A 599 -13.11 12.10 -24.78
N THR A 600 -13.40 12.92 -23.78
CA THR A 600 -14.47 12.62 -22.84
C THR A 600 -15.66 13.56 -23.04
N ALA A 601 -16.83 13.09 -22.58
CA ALA A 601 -18.08 13.80 -22.76
C ALA A 601 -18.93 13.62 -21.51
N PHE A 602 -18.36 13.99 -20.37
CA PHE A 602 -19.08 13.89 -19.10
C PHE A 602 -20.04 15.06 -18.93
N SER A 603 -21.19 14.77 -18.31
CA SER A 603 -22.24 15.76 -18.16
C SER A 603 -21.85 16.96 -17.30
N ASN A 604 -20.87 16.79 -16.40
CA ASN A 604 -20.43 17.92 -15.59
C ASN A 604 -19.43 18.85 -16.29
N ASN A 605 -19.14 18.55 -17.55
CA ASN A 605 -18.34 19.41 -18.44
C ASN A 605 -16.84 19.41 -18.15
N ASN A 606 -16.43 18.58 -17.19
CA ASN A 606 -14.99 18.45 -16.87
C ASN A 606 -14.38 17.38 -17.77
N ASN A 607 -13.84 17.82 -18.91
CA ASN A 607 -13.43 16.92 -19.96
C ASN A 607 -11.97 17.04 -20.35
N ILE A 608 -11.48 16.06 -21.10
CA ILE A 608 -10.19 16.19 -21.78
C ILE A 608 -10.28 15.73 -23.22
N ILE A 609 -9.34 16.20 -24.02
CA ILE A 609 -9.12 15.66 -25.35
C ILE A 609 -7.63 15.30 -25.45
N VAL A 610 -7.36 14.18 -26.09
CA VAL A 610 -6.01 13.67 -26.25
C VAL A 610 -5.75 13.38 -27.72
N ARG A 611 -4.58 13.81 -28.20
CA ARG A 611 -4.20 13.57 -29.60
C ARG A 611 -2.71 13.22 -29.68
N THR A 612 -2.38 12.23 -30.50
CA THR A 612 -0.98 11.83 -30.72
C THR A 612 -0.58 11.98 -32.19
N PHE A 613 0.64 12.45 -32.38
CA PHE A 613 1.27 12.69 -33.68
C PHE A 613 2.62 11.97 -33.66
N ALA A 614 3.22 11.73 -34.82
CA ALA A 614 4.44 10.91 -34.83
C ALA A 614 5.31 11.16 -36.04
N ASN A 615 6.54 10.64 -35.98
CA ASN A 615 7.48 10.81 -37.09
C ASN A 615 7.31 9.76 -38.19
N LYS A 616 6.38 8.85 -37.99
CA LYS A 616 6.06 7.81 -38.97
C LYS A 616 4.55 7.62 -39.00
N ALA A 617 4.06 6.95 -40.04
CA ALA A 617 2.65 6.56 -40.09
C ALA A 617 2.30 5.80 -38.81
N VAL A 618 1.12 6.09 -38.26
CA VAL A 618 0.66 5.36 -37.08
C VAL A 618 -0.72 4.81 -37.27
N THR A 619 -1.04 3.81 -36.44
CA THR A 619 -2.38 3.23 -36.38
C THR A 619 -2.90 3.36 -34.96
N CYS A 620 -4.13 3.83 -34.84
CA CYS A 620 -4.82 3.91 -33.55
C CYS A 620 -5.62 2.62 -33.31
N SER A 621 -5.28 1.92 -32.22
CA SER A 621 -5.82 0.59 -31.94
C SER A 621 -6.51 0.54 -30.57
N PRO A 622 -7.83 0.79 -30.53
CA PRO A 622 -8.55 0.73 -29.27
C PRO A 622 -8.54 -0.66 -28.66
N PHE A 623 -8.58 -0.73 -27.34
CA PHE A 623 -8.76 -2.00 -26.65
C PHE A 623 -9.50 -1.79 -25.34
N THR A 624 -10.04 -2.87 -24.77
CA THR A 624 -10.77 -2.74 -23.52
C THR A 624 -9.79 -2.95 -22.36
N GLY A 625 -9.52 -1.87 -21.64
CA GLY A 625 -8.67 -1.96 -20.43
C GLY A 625 -9.49 -2.28 -19.20
N ARG A 626 -8.85 -2.21 -18.03
CA ARG A 626 -9.51 -2.55 -16.75
C ARG A 626 -8.87 -1.75 -15.64
N ILE A 627 -9.61 -1.59 -14.55
CA ILE A 627 -9.08 -0.96 -13.34
C ILE A 627 -9.61 -1.69 -12.11
N ALA A 628 -8.72 -1.97 -11.17
CA ALA A 628 -9.08 -2.63 -9.93
C ALA A 628 -8.69 -1.73 -8.78
N TYR A 629 -9.64 -1.43 -7.90
CA TYR A 629 -9.38 -0.54 -6.75
C TYR A 629 -8.97 -1.31 -5.51
N LEU A 630 -9.24 -2.61 -5.50
CA LEU A 630 -8.97 -3.45 -4.32
C LEU A 630 -8.25 -4.71 -4.77
N VAL A 631 -7.68 -5.44 -3.81
CA VAL A 631 -6.96 -6.66 -4.17
C VAL A 631 -7.91 -7.81 -3.88
N ASP A 632 -9.01 -7.84 -4.62
CA ASP A 632 -10.09 -8.79 -4.35
C ASP A 632 -10.52 -9.56 -5.60
N GLY A 633 -9.71 -9.45 -6.66
CA GLY A 633 -9.96 -10.18 -7.90
C GLY A 633 -10.97 -9.51 -8.83
N ALA A 634 -11.54 -8.40 -8.39
CA ALA A 634 -12.57 -7.72 -9.19
C ALA A 634 -12.00 -6.56 -9.97
N TYR A 635 -12.66 -6.18 -11.05
CA TYR A 635 -12.23 -5.00 -11.80
C TYR A 635 -13.41 -4.48 -12.60
N ASN A 636 -13.28 -3.26 -13.09
CA ASN A 636 -14.25 -2.69 -14.03
C ASN A 636 -13.49 -2.45 -15.31
N THR A 637 -14.15 -2.63 -16.45
CA THR A 637 -13.50 -2.28 -17.71
C THR A 637 -13.50 -0.76 -17.91
N ARG A 638 -12.57 -0.29 -18.74
CA ARG A 638 -12.49 1.13 -19.13
C ARG A 638 -11.81 1.19 -20.49
N GLN A 639 -12.02 2.30 -21.19
CA GLN A 639 -11.51 2.47 -22.55
C GLN A 639 -10.00 2.69 -22.57
N SER A 640 -9.31 1.90 -23.39
CA SER A 640 -7.91 2.12 -23.66
C SER A 640 -7.59 2.12 -25.15
N TYR A 641 -6.33 2.43 -25.48
CA TYR A 641 -5.85 2.32 -26.86
C TYR A 641 -4.35 2.38 -26.93
N THR A 642 -3.82 1.95 -28.06
CA THR A 642 -2.41 2.17 -28.37
C THR A 642 -2.28 2.93 -29.68
N ILE A 643 -1.21 3.69 -29.80
CA ILE A 643 -0.83 4.33 -31.06
C ILE A 643 0.38 3.56 -31.55
N ASP A 644 0.21 2.86 -32.68
CA ASP A 644 1.19 1.89 -33.13
C ASP A 644 2.00 2.40 -34.29
N MET A 645 3.29 2.13 -34.28
CA MET A 645 4.15 2.39 -35.43
C MET A 645 5.15 1.27 -35.67
N ASN A 646 5.53 1.10 -36.94
CA ASN A 646 6.60 0.19 -37.28
C ASN A 646 7.94 0.90 -37.16
N LYS A 647 8.82 0.34 -36.35
CA LYS A 647 10.15 0.90 -36.18
C LYS A 647 11.17 -0.04 -36.80
N SER A 648 11.97 0.51 -37.73
CA SER A 648 13.12 -0.21 -38.29
C SER A 648 14.32 -0.01 -37.38
N ALA A 649 15.30 -0.90 -37.50
CA ALA A 649 16.49 -0.87 -36.64
C ALA A 649 17.20 0.49 -36.69
N ASP A 650 17.27 1.09 -37.87
CA ASP A 650 18.03 2.33 -38.04
C ASP A 650 17.22 3.61 -37.78
N GLU A 651 15.98 3.44 -37.31
CA GLU A 651 15.07 4.56 -37.01
C GLU A 651 14.92 4.73 -35.51
N THR A 652 14.48 5.93 -35.11
CA THR A 652 14.02 6.18 -33.74
C THR A 652 12.52 6.38 -33.83
N ALA A 653 11.76 5.71 -32.95
CA ALA A 653 10.31 5.95 -32.86
C ALA A 653 10.11 7.26 -32.10
N ARG A 654 9.34 8.18 -32.67
CA ARG A 654 9.10 9.48 -32.02
C ARG A 654 7.62 9.87 -32.07
N TYR A 655 7.06 10.18 -30.91
CA TYR A 655 5.67 10.58 -30.80
C TYR A 655 5.53 11.91 -30.08
N ILE A 656 4.45 12.64 -30.38
CA ILE A 656 4.08 13.83 -29.62
C ILE A 656 2.64 13.66 -29.18
N THR A 657 2.37 13.78 -27.88
CA THR A 657 0.99 13.62 -27.40
C THR A 657 0.57 14.87 -26.66
N VAL A 658 -0.60 15.39 -27.02
CA VAL A 658 -1.14 16.57 -26.36
C VAL A 658 -2.33 16.13 -25.52
N ILE A 659 -2.30 16.48 -24.23
CA ILE A 659 -3.41 16.19 -23.33
C ILE A 659 -3.98 17.53 -22.90
N LEU A 660 -5.18 17.85 -23.36
CA LEU A 660 -5.75 19.18 -23.17
C LEU A 660 -7.04 19.12 -22.34
N PRO A 661 -7.02 19.68 -21.11
CA PRO A 661 -8.27 19.79 -20.34
C PRO A 661 -9.19 20.79 -21.02
N VAL A 662 -10.48 20.46 -21.10
CA VAL A 662 -11.49 21.32 -21.73
C VAL A 662 -12.68 21.46 -20.79
N ASN A 663 -13.06 22.72 -20.54
CA ASN A 663 -14.31 23.04 -19.82
C ASN A 663 -15.45 23.05 -20.82
N GLY A 664 -16.25 21.98 -20.77
CA GLY A 664 -17.37 21.81 -21.67
C GLY A 664 -17.04 20.89 -22.83
N SER A 665 -17.72 21.11 -23.94
CA SER A 665 -17.58 20.25 -25.11
C SER A 665 -16.18 20.34 -25.72
N THR A 666 -15.64 19.20 -26.14
CA THR A 666 -14.32 19.15 -26.78
C THR A 666 -14.42 19.27 -28.30
N ASP A 667 -15.64 19.44 -28.79
CA ASP A 667 -15.93 19.38 -30.23
C ASP A 667 -15.15 20.38 -31.07
N THR A 668 -14.89 21.56 -30.50
CA THR A 668 -14.23 22.61 -31.26
C THR A 668 -12.78 22.85 -30.84
N SER A 669 -12.25 21.97 -29.98
CA SER A 669 -10.86 22.05 -29.59
C SER A 669 -10.01 21.62 -30.77
N SER A 670 -8.98 22.40 -31.08
CA SER A 670 -8.19 22.14 -32.27
C SER A 670 -6.73 21.93 -31.87
N ILE A 671 -6.18 20.78 -32.23
CA ILE A 671 -4.80 20.43 -31.87
C ILE A 671 -4.00 19.92 -33.08
N SER A 672 -2.78 20.44 -33.22
CA SER A 672 -1.82 19.90 -34.19
C SER A 672 -0.43 19.95 -33.58
N ALA A 673 0.47 19.13 -34.09
CA ALA A 673 1.83 19.08 -33.59
C ALA A 673 2.76 18.49 -34.64
N LYS A 674 4.03 18.85 -34.57
CA LYS A 674 5.03 18.27 -35.46
C LYS A 674 6.39 18.42 -34.83
N PHE A 675 7.34 17.60 -35.27
CA PHE A 675 8.74 17.78 -34.89
C PHE A 675 9.33 18.91 -35.73
N ILE A 676 10.15 19.76 -35.11
CA ILE A 676 10.78 20.86 -35.86
C ILE A 676 12.31 20.76 -35.86
N ASP A 677 12.84 19.74 -35.19
CA ASP A 677 14.25 19.39 -35.30
C ASP A 677 14.44 18.47 -36.51
N SER A 678 15.66 17.99 -36.73
CA SER A 678 15.96 17.18 -37.91
C SER A 678 15.77 15.69 -37.68
N GLY A 679 15.32 15.32 -36.49
CA GLY A 679 15.17 13.93 -36.11
C GLY A 679 15.71 13.74 -34.70
N TYR A 680 15.76 12.50 -34.25
CA TYR A 680 16.28 12.20 -32.91
C TYR A 680 17.74 12.64 -32.73
N SER A 681 18.04 13.23 -31.58
CA SER A 681 19.42 13.33 -31.15
C SER A 681 19.54 13.12 -29.65
N GLU A 682 20.69 12.60 -29.23
CA GLU A 682 20.94 12.34 -27.81
C GLU A 682 20.68 13.55 -26.95
N ASN A 683 21.05 14.73 -27.44
CA ASN A 683 21.12 15.89 -26.55
C ASN A 683 19.97 16.90 -26.62
N SER A 684 19.01 16.70 -27.51
CA SER A 684 17.91 17.67 -27.63
C SER A 684 16.70 17.11 -28.33
N ALA A 685 15.59 17.83 -28.21
CA ALA A 685 14.37 17.55 -28.99
C ALA A 685 13.59 18.85 -29.11
N SER A 686 12.95 19.07 -30.26
CA SER A 686 12.19 20.30 -30.48
C SER A 686 10.94 20.00 -31.27
N VAL A 687 9.81 20.50 -30.75
CA VAL A 687 8.52 20.30 -31.37
C VAL A 687 7.75 21.61 -31.41
N GLU A 688 6.72 21.63 -32.25
CA GLU A 688 5.80 22.74 -32.29
C GLU A 688 4.41 22.18 -32.08
N VAL A 689 3.65 22.78 -31.17
CA VAL A 689 2.27 22.36 -30.90
C VAL A 689 1.34 23.55 -31.08
N SER A 690 0.23 23.35 -31.78
CA SER A 690 -0.80 24.38 -31.89
C SER A 690 -2.06 23.92 -31.21
N VAL A 691 -2.59 24.76 -30.33
CA VAL A 691 -3.81 24.49 -29.59
C VAL A 691 -4.74 25.69 -29.73
N ASN A 692 -5.92 25.47 -30.31
CA ASN A 692 -6.90 26.56 -30.49
C ASN A 692 -6.28 27.87 -31.02
N GLY A 693 -5.52 27.74 -32.10
CA GLY A 693 -4.95 28.89 -32.79
C GLY A 693 -3.74 29.53 -32.14
N GLU A 694 -3.24 28.95 -31.04
CA GLU A 694 -1.99 29.42 -30.46
C GLU A 694 -0.88 28.38 -30.66
N THR A 695 0.27 28.84 -31.14
CA THR A 695 1.39 27.95 -31.45
C THR A 695 2.45 28.03 -30.37
N HIS A 696 2.95 26.87 -29.95
CA HIS A 696 3.95 26.79 -28.90
C HIS A 696 5.15 26.06 -29.42
N THR A 697 6.32 26.65 -29.23
CA THR A 697 7.57 26.00 -29.59
C THR A 697 8.16 25.43 -28.32
N LEU A 698 8.38 24.13 -28.32
CA LEU A 698 8.72 23.39 -27.12
C LEU A 698 10.00 22.60 -27.38
N SER A 699 11.07 23.02 -26.71
CA SER A 699 12.37 22.46 -26.98
C SER A 699 13.13 22.24 -25.67
N TYR A 700 14.03 21.26 -25.66
CA TYR A 700 15.00 21.14 -24.59
C TYR A 700 16.36 20.69 -25.10
N THR A 701 17.39 21.04 -24.34
CA THR A 701 18.73 20.55 -24.57
C THR A 701 19.25 20.02 -23.25
N LEU A 702 19.90 18.85 -23.28
CA LEU A 702 20.41 18.23 -22.07
C LEU A 702 21.80 18.75 -21.69
#